data_7ERN
#
_entry.id   7ERN
#
_cell.length_a   66.191
_cell.length_b   97.953
_cell.length_c   160.172
_cell.angle_alpha   90.000
_cell.angle_beta   90.000
_cell.angle_gamma   90.000
#
_symmetry.space_group_name_H-M   'P 21 21 21'
#
loop_
_entity.id
_entity.type
_entity.pdbx_description
1 polymer 'D-tagatose 3-epimerase'
2 non-polymer D-fructose
3 non-polymer 'MAGNESIUM ION'
4 water water
#
_entity_poly.entity_id   1
_entity_poly.type   'polypeptide(L)'
_entity_poly.pdbx_seq_one_letter_code
;MQGFGVHAMMWSLNWDHESARRAIAGAADYGQDFIEIPLVDLPSVDTAHTRALLEKYGLRAACSLVLPEPAWASVRPEAA
VAHLNAALDKAAEMGAEALTGVTYGGTSERTGFPPTQAEYDNLTRALSQSAGHAKTLGLQFGIEAVNRYENHLVNSAEQA
VALVERIGADNIFVHLDTFHMNMEEKGIANGIIAAHDYLKYMHMSESDRGTPGFGNVAWDAVFAALAAIGFKGVLTLESF
AAMPEEMAGAISTWRPVASGADEVLDKGLAFLRDKASQYRIFGN
;
_entity_poly.pdbx_strand_id   A,B,C,D
#
# COMPACT_ATOMS: atom_id res chain seq x y z
N MET A 1 27.54 -3.38 14.12
CA MET A 1 27.30 -2.76 12.83
C MET A 1 25.94 -2.09 12.86
N GLN A 2 25.92 -0.76 12.75
CA GLN A 2 24.66 -0.04 12.68
C GLN A 2 24.80 1.15 11.74
N GLY A 3 23.74 1.46 10.99
CA GLY A 3 23.71 2.73 10.30
C GLY A 3 23.30 2.57 8.84
N PHE A 4 23.69 3.55 8.02
CA PHE A 4 23.29 3.58 6.62
C PHE A 4 24.46 3.15 5.73
N GLY A 5 24.19 2.25 4.78
CA GLY A 5 25.21 1.76 3.88
C GLY A 5 24.76 1.85 2.44
N VAL A 6 25.74 1.72 1.55
CA VAL A 6 25.49 1.70 0.11
C VAL A 6 26.39 0.63 -0.50
N HIS A 7 25.82 -0.16 -1.41
CA HIS A 7 26.60 -1.18 -2.08
C HIS A 7 27.53 -0.54 -3.10
N ALA A 8 28.79 -1.02 -3.13
CA ALA A 8 29.80 -0.44 -4.02
C ALA A 8 29.43 -0.56 -5.49
N MET A 9 28.54 -1.50 -5.83
CA MET A 9 28.06 -1.64 -7.20
C MET A 9 27.36 -0.39 -7.73
N MET A 10 27.02 0.56 -6.86
CA MET A 10 26.53 1.85 -7.36
C MET A 10 27.59 2.60 -8.15
N TRP A 11 28.87 2.22 -8.06
CA TRP A 11 29.95 2.85 -8.81
C TRP A 11 30.75 1.88 -9.67
N SER A 12 30.95 0.66 -9.21
CA SER A 12 32.02 -0.15 -9.75
C SER A 12 31.63 -1.61 -9.76
N LEU A 13 31.97 -2.28 -10.85
CA LEU A 13 31.92 -3.73 -10.92
C LEU A 13 33.03 -4.31 -10.07
N ASN A 14 34.25 -4.00 -10.47
CA ASN A 14 35.42 -4.65 -9.92
C ASN A 14 35.97 -3.82 -8.76
N TRP A 15 37.11 -4.25 -8.25
CA TRP A 15 37.66 -3.66 -7.05
C TRP A 15 39.15 -3.47 -7.22
N ASP A 16 39.54 -2.88 -8.36
CA ASP A 16 40.94 -2.49 -8.52
C ASP A 16 41.15 -1.19 -7.76
N HIS A 17 42.38 -0.67 -7.84
CA HIS A 17 42.73 0.53 -7.08
C HIS A 17 41.80 1.69 -7.40
N GLU A 18 41.53 1.91 -8.68
CA GLU A 18 40.78 3.12 -9.01
C GLU A 18 39.28 2.91 -8.77
N SER A 19 38.77 1.70 -8.97
CA SER A 19 37.38 1.40 -8.62
C SER A 19 37.16 1.53 -7.11
N ALA A 20 38.11 0.99 -6.33
CA ALA A 20 37.97 1.08 -4.88
C ALA A 20 37.94 2.53 -4.42
N ARG A 21 38.80 3.37 -5.01
CA ARG A 21 38.84 4.77 -4.63
C ARG A 21 37.54 5.48 -5.01
N ARG A 22 37.04 5.27 -6.23
CA ARG A 22 35.79 5.92 -6.64
C ARG A 22 34.61 5.51 -5.75
N ALA A 23 34.52 4.23 -5.39
CA ALA A 23 33.38 3.75 -4.62
C ALA A 23 33.41 4.30 -3.20
N ILE A 24 34.57 4.20 -2.54
CA ILE A 24 34.71 4.67 -1.17
C ILE A 24 34.54 6.18 -1.10
N ALA A 25 35.19 6.92 -2.02
CA ALA A 25 34.99 8.37 -2.02
C ALA A 25 33.53 8.72 -2.30
N GLY A 26 32.90 7.99 -3.21
CA GLY A 26 31.49 8.23 -3.48
C GLY A 26 30.61 7.99 -2.25
N ALA A 27 30.79 6.83 -1.62
CA ALA A 27 30.01 6.55 -0.40
C ALA A 27 30.27 7.63 0.65
N ALA A 28 31.52 8.09 0.77
CA ALA A 28 31.80 9.17 1.70
C ALA A 28 31.12 10.47 1.29
N ASP A 29 30.99 10.71 -0.01
CA ASP A 29 30.30 11.91 -0.49
C ASP A 29 28.83 11.93 -0.08
N TYR A 30 28.21 10.76 0.04
CA TYR A 30 26.79 10.67 0.39
C TYR A 30 26.58 10.41 1.86
N GLY A 31 27.59 10.68 2.69
CA GLY A 31 27.48 10.60 4.13
C GLY A 31 27.13 9.23 4.67
N GLN A 32 27.48 8.17 3.94
CA GLN A 32 27.11 6.83 4.39
C GLN A 32 28.01 6.36 5.52
N ASP A 33 27.46 5.55 6.41
CA ASP A 33 28.31 4.96 7.46
C ASP A 33 29.09 3.76 6.94
N PHE A 34 28.47 2.97 6.06
CA PHE A 34 29.02 1.72 5.55
C PHE A 34 29.09 1.74 4.03
N ILE A 35 30.14 1.14 3.47
CA ILE A 35 30.12 0.70 2.08
C ILE A 35 30.15 -0.82 2.08
N GLU A 36 29.36 -1.44 1.22
CA GLU A 36 29.39 -2.89 1.05
C GLU A 36 30.29 -3.22 -0.14
N ILE A 37 31.33 -4.00 0.09
CA ILE A 37 32.37 -4.25 -0.88
C ILE A 37 32.24 -5.69 -1.37
N PRO A 38 31.92 -5.91 -2.64
CA PRO A 38 31.81 -7.28 -3.13
C PRO A 38 33.19 -7.87 -3.37
N LEU A 39 33.34 -9.14 -3.03
CA LEU A 39 34.57 -9.89 -3.28
C LEU A 39 34.28 -10.91 -4.38
N VAL A 40 34.78 -10.65 -5.57
CA VAL A 40 34.62 -11.56 -6.71
C VAL A 40 35.94 -12.24 -7.06
N ASP A 41 36.93 -11.46 -7.47
CA ASP A 41 38.23 -11.98 -7.85
C ASP A 41 39.17 -11.72 -6.68
N LEU A 42 39.31 -12.72 -5.80
CA LEU A 42 40.04 -12.50 -4.55
C LEU A 42 41.51 -12.18 -4.74
N PRO A 43 42.26 -12.80 -5.66
CA PRO A 43 43.66 -12.40 -5.85
C PRO A 43 43.84 -10.99 -6.37
N SER A 44 42.85 -10.42 -7.06
CA SER A 44 43.00 -9.09 -7.61
C SER A 44 42.67 -7.97 -6.61
N VAL A 45 42.28 -8.31 -5.39
CA VAL A 45 41.96 -7.31 -4.37
C VAL A 45 43.24 -6.89 -3.66
N ASP A 46 43.43 -5.58 -3.51
CA ASP A 46 44.51 -5.02 -2.70
C ASP A 46 43.87 -4.58 -1.39
N THR A 47 43.91 -5.48 -0.39
CA THR A 47 43.21 -5.21 0.86
C THR A 47 43.87 -4.10 1.66
N ALA A 48 45.21 -4.05 1.68
CA ALA A 48 45.88 -2.98 2.40
C ALA A 48 45.50 -1.62 1.84
N HIS A 49 45.42 -1.51 0.51
CA HIS A 49 45.00 -0.27 -0.12
C HIS A 49 43.58 0.11 0.28
N THR A 50 42.65 -0.86 0.20
CA THR A 50 41.27 -0.63 0.60
C THR A 50 41.18 -0.17 2.05
N ARG A 51 41.91 -0.85 2.95
CA ARG A 51 41.90 -0.46 4.35
C ARG A 51 42.33 0.98 4.54
N ALA A 52 43.43 1.38 3.87
CA ALA A 52 43.88 2.77 3.97
C ALA A 52 42.81 3.74 3.44
N LEU A 53 42.10 3.36 2.38
CA LEU A 53 41.12 4.29 1.82
C LEU A 53 39.90 4.42 2.73
N LEU A 54 39.42 3.29 3.26
CA LEU A 54 38.36 3.31 4.27
C LEU A 54 38.71 4.24 5.43
N GLU A 55 39.96 4.19 5.90
CA GLU A 55 40.34 4.99 7.05
C GLU A 55 40.47 6.45 6.67
N LYS A 56 41.08 6.72 5.51
CA LYS A 56 41.18 8.09 5.01
C LYS A 56 39.81 8.75 4.92
N TYR A 57 38.79 8.03 4.48
CA TYR A 57 37.48 8.62 4.27
C TYR A 57 36.53 8.38 5.43
N GLY A 58 36.98 7.76 6.52
CA GLY A 58 36.12 7.59 7.68
C GLY A 58 34.96 6.64 7.44
N LEU A 59 35.11 5.68 6.53
CA LEU A 59 34.05 4.76 6.17
C LEU A 59 34.26 3.42 6.87
N ARG A 60 33.15 2.77 7.26
CA ARG A 60 33.16 1.38 7.71
C ARG A 60 32.72 0.51 6.54
N ALA A 61 33.04 -0.78 6.60
CA ALA A 61 32.75 -1.65 5.45
C ALA A 61 32.22 -2.99 5.91
N ALA A 62 31.34 -3.56 5.09
CA ALA A 62 31.03 -4.98 5.09
C ALA A 62 31.38 -5.53 3.72
N CYS A 63 31.86 -6.77 3.70
CA CYS A 63 32.16 -7.46 2.46
C CYS A 63 31.03 -8.41 2.13
N SER A 64 30.83 -8.68 0.83
CA SER A 64 29.81 -9.63 0.42
C SER A 64 30.30 -10.44 -0.78
N LEU A 65 29.62 -11.56 -1.02
CA LEU A 65 29.94 -12.38 -2.17
C LEU A 65 28.78 -13.31 -2.48
N VAL A 66 28.88 -13.90 -3.66
CA VAL A 66 28.14 -15.09 -4.08
C VAL A 66 29.17 -16.19 -4.31
N LEU A 67 28.88 -17.39 -3.82
CA LEU A 67 29.82 -18.49 -4.01
C LEU A 67 29.88 -18.88 -5.49
N PRO A 68 31.08 -19.00 -6.07
CA PRO A 68 31.17 -19.56 -7.42
C PRO A 68 30.79 -21.03 -7.42
N GLU A 69 30.32 -21.50 -8.58
CA GLU A 69 29.77 -22.85 -8.65
C GLU A 69 30.72 -23.94 -8.16
N PRO A 70 32.04 -23.91 -8.43
CA PRO A 70 32.92 -24.92 -7.82
C PRO A 70 32.85 -24.96 -6.31
N ALA A 71 32.37 -23.90 -5.66
CA ALA A 71 32.38 -23.82 -4.21
C ALA A 71 30.99 -23.84 -3.57
N TRP A 72 29.94 -24.21 -4.32
CA TRP A 72 28.58 -24.20 -3.77
C TRP A 72 28.48 -25.18 -2.59
N ALA A 73 28.06 -24.67 -1.41
CA ALA A 73 28.18 -25.46 -0.19
C ALA A 73 27.24 -26.65 -0.16
N SER A 74 26.14 -26.59 -0.89
CA SER A 74 25.14 -27.65 -0.84
C SER A 74 25.67 -28.97 -1.39
N VAL A 75 26.63 -28.90 -2.31
CA VAL A 75 27.11 -30.08 -3.02
C VAL A 75 28.61 -30.25 -2.79
N ARG A 76 29.34 -29.15 -2.63
CA ARG A 76 30.78 -29.20 -2.38
C ARG A 76 31.12 -28.41 -1.12
N PRO A 77 30.69 -28.89 0.05
CA PRO A 77 30.88 -28.10 1.28
C PRO A 77 32.33 -27.78 1.60
N GLU A 78 33.27 -28.68 1.27
CA GLU A 78 34.67 -28.42 1.59
C GLU A 78 35.24 -27.32 0.71
N ALA A 79 34.86 -27.31 -0.57
CA ALA A 79 35.23 -26.17 -1.43
C ALA A 79 34.62 -24.88 -0.92
N ALA A 80 33.39 -24.94 -0.37
CA ALA A 80 32.77 -23.71 0.14
C ALA A 80 33.58 -23.14 1.31
N VAL A 81 33.95 -23.99 2.27
CA VAL A 81 34.72 -23.50 3.42
C VAL A 81 36.04 -22.89 2.95
N ALA A 82 36.71 -23.52 1.98
CA ALA A 82 37.99 -22.98 1.53
C ALA A 82 37.79 -21.61 0.90
N HIS A 83 36.73 -21.45 0.11
CA HIS A 83 36.51 -20.15 -0.53
C HIS A 83 36.10 -19.11 0.51
N LEU A 84 35.15 -19.46 1.38
CA LEU A 84 34.66 -18.51 2.37
C LEU A 84 35.79 -18.08 3.30
N ASN A 85 36.67 -19.01 3.69
CA ASN A 85 37.74 -18.66 4.62
C ASN A 85 38.73 -17.71 3.97
N ALA A 86 39.02 -17.93 2.68
CA ALA A 86 39.87 -17.01 1.95
C ALA A 86 39.21 -15.64 1.83
N ALA A 87 37.90 -15.62 1.53
CA ALA A 87 37.18 -14.36 1.48
C ALA A 87 37.23 -13.64 2.82
N LEU A 88 37.03 -14.39 3.91
CA LEU A 88 37.02 -13.76 5.23
C LEU A 88 38.38 -13.16 5.58
N ASP A 89 39.47 -13.85 5.22
CA ASP A 89 40.81 -13.28 5.40
C ASP A 89 40.93 -11.93 4.71
N LYS A 90 40.47 -11.85 3.45
CA LYS A 90 40.57 -10.60 2.71
C LYS A 90 39.72 -9.51 3.37
N ALA A 91 38.49 -9.87 3.75
CA ALA A 91 37.63 -8.93 4.47
C ALA A 91 38.29 -8.44 5.74
N ALA A 92 38.89 -9.36 6.50
CA ALA A 92 39.54 -8.96 7.74
C ALA A 92 40.71 -8.02 7.45
N GLU A 93 41.47 -8.32 6.39
CA GLU A 93 42.59 -7.46 6.03
C GLU A 93 42.11 -6.06 5.67
N MET A 94 40.95 -5.96 5.02
CA MET A 94 40.42 -4.67 4.64
C MET A 94 39.86 -3.88 5.83
N GLY A 95 39.62 -4.55 6.96
CA GLY A 95 38.94 -3.88 8.05
C GLY A 95 37.42 -3.98 8.00
N ALA A 96 36.86 -4.71 7.04
CA ALA A 96 35.43 -5.00 7.06
C ALA A 96 35.04 -5.70 8.35
N GLU A 97 33.78 -5.55 8.73
CA GLU A 97 33.28 -6.07 9.99
C GLU A 97 32.43 -7.32 9.83
N ALA A 98 32.16 -7.74 8.60
CA ALA A 98 31.31 -8.87 8.35
C ALA A 98 31.54 -9.34 6.92
N LEU A 99 31.29 -10.62 6.68
CA LEU A 99 31.09 -11.15 5.34
C LEU A 99 29.64 -11.60 5.23
N THR A 100 28.93 -11.12 4.22
CA THR A 100 27.53 -11.48 4.05
C THR A 100 27.26 -11.76 2.58
N GLY A 101 25.99 -11.86 2.22
CA GLY A 101 25.59 -12.17 0.85
C GLY A 101 25.14 -13.61 0.71
N VAL A 102 25.28 -14.12 -0.52
CA VAL A 102 24.88 -15.50 -0.76
C VAL A 102 26.08 -16.38 -0.44
N THR A 103 26.35 -16.53 0.85
CA THR A 103 27.52 -17.21 1.38
C THR A 103 27.35 -18.72 1.42
N TYR A 104 26.22 -19.25 0.95
CA TYR A 104 25.91 -20.67 1.04
C TYR A 104 25.69 -21.31 -0.32
N GLY A 105 25.74 -20.53 -1.40
CA GLY A 105 25.36 -21.06 -2.69
C GLY A 105 25.51 -20.00 -3.77
N GLY A 106 24.89 -20.28 -4.92
CA GLY A 106 24.92 -19.37 -6.05
C GLY A 106 23.64 -18.57 -6.19
N THR A 107 23.67 -17.64 -7.15
CA THR A 107 22.49 -16.93 -7.59
C THR A 107 22.00 -17.42 -8.95
N SER A 108 22.62 -18.47 -9.47
CA SER A 108 22.09 -19.22 -10.59
C SER A 108 22.03 -20.70 -10.22
N GLU A 109 21.88 -20.99 -8.93
CA GLU A 109 21.90 -22.36 -8.41
C GLU A 109 20.51 -22.95 -8.39
N ARG A 110 20.40 -24.17 -8.90
CA ARG A 110 19.13 -24.84 -9.11
C ARG A 110 19.43 -26.33 -9.24
N THR A 111 18.70 -27.16 -8.52
CA THR A 111 18.85 -28.59 -8.66
C THR A 111 17.73 -29.23 -9.48
N GLY A 112 16.63 -28.50 -9.69
CA GLY A 112 15.45 -29.04 -10.30
C GLY A 112 14.41 -29.55 -9.33
N PHE A 113 14.77 -29.72 -8.06
CA PHE A 113 13.96 -30.31 -7.02
C PHE A 113 14.07 -29.45 -5.78
N PRO A 114 13.11 -29.56 -4.85
CA PRO A 114 13.20 -28.83 -3.59
C PRO A 114 14.47 -29.20 -2.84
N PRO A 115 14.90 -28.36 -1.90
CA PRO A 115 16.13 -28.65 -1.15
C PRO A 115 15.97 -29.86 -0.23
N THR A 116 16.98 -30.72 -0.22
CA THR A 116 16.99 -31.93 0.57
C THR A 116 17.72 -31.73 1.89
N GLN A 117 17.46 -32.63 2.84
CA GLN A 117 18.16 -32.53 4.11
C GLN A 117 19.66 -32.78 3.95
N ALA A 118 20.07 -33.59 2.96
CA ALA A 118 21.49 -33.76 2.72
C ALA A 118 22.14 -32.44 2.30
N GLU A 119 21.45 -31.66 1.47
CA GLU A 119 21.98 -30.35 1.10
C GLU A 119 22.09 -29.44 2.32
N TYR A 120 21.04 -29.42 3.15
CA TYR A 120 21.06 -28.57 4.35
C TYR A 120 22.14 -29.03 5.33
N ASP A 121 22.39 -30.34 5.43
CA ASP A 121 23.51 -30.83 6.25
C ASP A 121 24.83 -30.27 5.76
N ASN A 122 25.05 -30.30 4.45
CA ASN A 122 26.26 -29.72 3.87
C ASN A 122 26.35 -28.23 4.16
N LEU A 123 25.24 -27.51 3.94
CA LEU A 123 25.20 -26.08 4.28
C LEU A 123 25.53 -25.85 5.76
N THR A 124 24.90 -26.62 6.64
CA THR A 124 25.12 -26.44 8.08
C THR A 124 26.58 -26.70 8.44
N ARG A 125 27.15 -27.81 7.95
CA ARG A 125 28.53 -28.11 8.33
C ARG A 125 29.48 -27.07 7.76
N ALA A 126 29.26 -26.62 6.52
CA ALA A 126 30.21 -25.70 5.91
C ALA A 126 30.15 -24.30 6.54
N LEU A 127 28.95 -23.77 6.77
CA LEU A 127 28.84 -22.43 7.34
C LEU A 127 29.27 -22.41 8.79
N SER A 128 29.05 -23.51 9.50
CA SER A 128 29.54 -23.60 10.87
C SER A 128 31.06 -23.51 10.90
N GLN A 129 31.74 -24.16 9.93
CA GLN A 129 33.19 -24.03 9.85
C GLN A 129 33.60 -22.59 9.58
N SER A 130 33.00 -21.96 8.57
CA SER A 130 33.44 -20.62 8.18
C SER A 130 32.96 -19.52 9.13
N ALA A 131 31.76 -19.65 9.71
CA ALA A 131 31.41 -18.73 10.79
C ALA A 131 32.42 -18.82 11.92
N GLY A 132 32.88 -20.04 12.24
CA GLY A 132 33.94 -20.18 13.23
C GLY A 132 35.20 -19.44 12.83
N HIS A 133 35.62 -19.62 11.58
CA HIS A 133 36.79 -18.89 11.07
C HIS A 133 36.56 -17.38 11.11
N ALA A 134 35.35 -16.94 10.74
CA ALA A 134 35.00 -15.53 10.91
C ALA A 134 35.17 -15.10 12.36
N LYS A 135 34.71 -15.92 13.29
CA LYS A 135 34.80 -15.57 14.71
C LYS A 135 36.25 -15.35 15.15
N THR A 136 37.17 -16.20 14.67
CA THR A 136 38.58 -15.98 15.01
C THR A 136 39.11 -14.70 14.39
N LEU A 137 38.49 -14.23 13.31
CA LEU A 137 38.93 -12.99 12.69
C LEU A 137 38.26 -11.76 13.30
N GLY A 138 37.30 -11.95 14.21
CA GLY A 138 36.54 -10.85 14.74
C GLY A 138 35.42 -10.38 13.84
N LEU A 139 35.02 -11.21 12.88
CA LEU A 139 34.04 -10.84 11.89
C LEU A 139 32.73 -11.56 12.18
N GLN A 140 31.63 -10.90 11.84
CA GLN A 140 30.31 -11.52 11.78
C GLN A 140 30.09 -12.11 10.39
N PHE A 141 29.14 -13.04 10.30
CA PHE A 141 28.94 -13.83 9.08
C PHE A 141 27.45 -13.82 8.75
N GLY A 142 27.10 -13.30 7.58
CA GLY A 142 25.71 -13.12 7.21
C GLY A 142 25.23 -14.13 6.19
N ILE A 143 23.94 -14.41 6.25
CA ILE A 143 23.21 -15.29 5.34
C ILE A 143 22.11 -14.44 4.69
N GLU A 144 22.21 -14.17 3.40
CA GLU A 144 21.21 -13.38 2.67
C GLU A 144 20.23 -14.31 1.94
N ALA A 145 18.95 -14.21 2.29
CA ALA A 145 17.91 -14.96 1.58
C ALA A 145 17.65 -14.32 0.22
N VAL A 146 17.62 -15.13 -0.84
CA VAL A 146 17.37 -14.65 -2.19
C VAL A 146 16.16 -15.38 -2.75
N ASN A 147 15.66 -14.90 -3.89
CA ASN A 147 14.40 -15.45 -4.38
C ASN A 147 14.61 -16.81 -5.04
N ARG A 148 13.46 -17.46 -5.32
CA ARG A 148 13.42 -18.84 -5.79
C ARG A 148 14.14 -19.03 -7.12
N TYR A 149 14.27 -17.98 -7.93
CA TYR A 149 14.92 -18.13 -9.22
C TYR A 149 16.43 -18.06 -9.14
N GLU A 150 16.99 -17.58 -8.02
CA GLU A 150 18.43 -17.52 -7.88
C GLU A 150 18.98 -18.71 -7.12
N ASN A 151 18.17 -19.34 -6.32
CA ASN A 151 18.65 -20.34 -5.39
C ASN A 151 17.45 -21.08 -4.81
N HIS A 152 17.63 -22.37 -4.54
CA HIS A 152 16.55 -23.21 -4.04
C HIS A 152 16.65 -23.48 -2.53
N LEU A 153 17.63 -22.90 -1.85
CA LEU A 153 17.98 -23.31 -0.50
C LEU A 153 17.52 -22.35 0.59
N VAL A 154 17.72 -21.03 0.42
CA VAL A 154 17.43 -20.04 1.44
C VAL A 154 16.67 -18.91 0.75
N ASN A 155 15.34 -19.00 0.77
CA ASN A 155 14.47 -18.06 0.08
C ASN A 155 13.68 -17.18 1.02
N SER A 156 13.07 -17.74 2.04
CA SER A 156 12.31 -16.96 3.00
C SER A 156 13.13 -16.70 4.26
N ALA A 157 12.69 -15.71 5.04
CA ALA A 157 13.34 -15.43 6.31
C ALA A 157 13.30 -16.63 7.24
N GLU A 158 12.17 -17.35 7.26
CA GLU A 158 12.06 -18.51 8.14
C GLU A 158 13.09 -19.59 7.78
N GLN A 159 13.36 -19.81 6.49
CA GLN A 159 14.41 -20.74 6.11
C GLN A 159 15.76 -20.26 6.62
N ALA A 160 16.05 -18.96 6.46
CA ALA A 160 17.30 -18.39 6.94
C ALA A 160 17.43 -18.56 8.44
N VAL A 161 16.36 -18.25 9.18
CA VAL A 161 16.34 -18.44 10.63
C VAL A 161 16.60 -19.91 10.98
N ALA A 162 15.89 -20.82 10.30
CA ALA A 162 16.04 -22.25 10.56
C ALA A 162 17.49 -22.68 10.38
N LEU A 163 18.14 -22.22 9.31
CA LEU A 163 19.53 -22.56 9.06
C LEU A 163 20.44 -21.96 10.12
N VAL A 164 20.22 -20.69 10.45
CA VAL A 164 21.03 -20.03 11.46
C VAL A 164 20.94 -20.77 12.79
N GLU A 165 19.76 -21.29 13.13
CA GLU A 165 19.62 -22.00 14.39
C GLU A 165 20.26 -23.39 14.32
N ARG A 166 20.14 -24.06 13.18
CA ARG A 166 20.88 -25.31 12.99
C ARG A 166 22.38 -25.12 13.14
N ILE A 167 22.92 -23.99 12.67
CA ILE A 167 24.35 -23.75 12.77
C ILE A 167 24.76 -23.48 14.22
N GLY A 168 23.96 -22.69 14.94
CA GLY A 168 24.19 -22.51 16.36
C GLY A 168 25.38 -21.65 16.73
N ALA A 169 25.85 -20.79 15.84
CA ALA A 169 26.95 -19.88 16.12
C ALA A 169 26.43 -18.52 16.54
N ASP A 170 27.17 -17.86 17.42
CA ASP A 170 26.73 -16.58 17.98
C ASP A 170 27.16 -15.37 17.16
N ASN A 171 27.88 -15.56 16.05
CA ASN A 171 28.27 -14.44 15.21
C ASN A 171 27.63 -14.50 13.83
N ILE A 172 26.57 -15.29 13.66
CA ILE A 172 25.86 -15.38 12.38
C ILE A 172 24.60 -14.53 12.45
N PHE A 173 24.35 -13.75 11.40
CA PHE A 173 23.12 -12.97 11.34
C PHE A 173 22.38 -13.24 10.04
N VAL A 174 21.10 -12.93 10.06
CA VAL A 174 20.22 -13.02 8.91
C VAL A 174 20.29 -11.68 8.18
N HIS A 175 20.32 -11.76 6.85
CA HIS A 175 20.43 -10.61 5.97
C HIS A 175 19.26 -10.72 5.00
N LEU A 176 18.34 -9.75 5.02
CA LEU A 176 17.18 -9.78 4.12
C LEU A 176 17.32 -8.72 3.04
N ASP A 177 16.68 -9.00 1.91
CA ASP A 177 16.75 -8.12 0.74
C ASP A 177 15.32 -7.86 0.29
N THR A 178 14.91 -6.58 0.27
CA THR A 178 13.50 -6.28 0.03
C THR A 178 13.10 -6.65 -1.39
N PHE A 179 14.04 -6.68 -2.32
CA PHE A 179 13.75 -7.11 -3.68
C PHE A 179 13.38 -8.58 -3.70
N HIS A 180 14.12 -9.39 -2.95
CA HIS A 180 13.79 -10.81 -2.87
C HIS A 180 12.56 -11.06 -2.01
N MET A 181 12.42 -10.32 -0.90
CA MET A 181 11.28 -10.50 -0.02
C MET A 181 9.98 -10.09 -0.69
N ASN A 182 10.03 -9.13 -1.61
CA ASN A 182 8.82 -8.75 -2.32
C ASN A 182 8.20 -9.93 -3.04
N MET A 183 9.02 -10.93 -3.40
CA MET A 183 8.49 -12.17 -3.95
C MET A 183 8.32 -13.24 -2.88
N GLU A 184 9.31 -13.42 -2.00
CA GLU A 184 9.32 -14.62 -1.16
C GLU A 184 8.45 -14.50 0.09
N GLU A 185 8.25 -13.31 0.65
CA GLU A 185 7.57 -13.22 1.94
C GLU A 185 6.07 -12.98 1.77
N LYS A 186 5.27 -13.70 2.57
CA LYS A 186 3.81 -13.64 2.50
C LYS A 186 3.33 -12.40 3.26
N GLY A 187 3.55 -11.26 2.62
CA GLY A 187 3.53 -9.99 3.32
C GLY A 187 4.94 -9.66 3.78
N ILE A 188 5.55 -8.65 3.19
CA ILE A 188 7.00 -8.43 3.33
C ILE A 188 7.40 -8.28 4.80
N ALA A 189 6.56 -7.63 5.61
CA ALA A 189 6.93 -7.44 7.01
C ALA A 189 7.06 -8.75 7.75
N ASN A 190 6.35 -9.80 7.30
CA ASN A 190 6.44 -11.11 7.93
C ASN A 190 7.86 -11.65 7.88
N GLY A 191 8.62 -11.29 6.86
CA GLY A 191 10.02 -11.73 6.81
C GLY A 191 10.84 -11.08 7.91
N ILE A 192 10.69 -9.76 8.07
CA ILE A 192 11.41 -9.06 9.13
C ILE A 192 11.01 -9.60 10.50
N ILE A 193 9.72 -9.81 10.73
CA ILE A 193 9.26 -10.33 12.01
C ILE A 193 9.87 -11.72 12.26
N ALA A 194 9.84 -12.59 11.25
CA ALA A 194 10.35 -13.94 11.42
C ALA A 194 11.82 -13.93 11.83
N ALA A 195 12.59 -12.96 11.35
CA ALA A 195 14.03 -12.91 11.58
C ALA A 195 14.42 -12.04 12.76
N HIS A 196 13.46 -11.63 13.60
CA HIS A 196 13.73 -10.56 14.57
C HIS A 196 14.88 -10.88 15.53
N ASP A 197 15.20 -12.15 15.79
CA ASP A 197 16.32 -12.41 16.70
C ASP A 197 17.68 -12.26 16.03
N TYR A 198 17.73 -12.26 14.71
CA TYR A 198 18.99 -12.41 13.99
C TYR A 198 19.18 -11.39 12.88
N LEU A 199 18.16 -10.59 12.57
CA LEU A 199 18.24 -9.61 11.49
C LEU A 199 19.18 -8.49 11.87
N LYS A 200 20.33 -8.41 11.19
CA LYS A 200 21.32 -7.36 11.44
C LYS A 200 21.69 -6.57 10.20
N TYR A 201 21.15 -6.90 9.03
CA TYR A 201 21.60 -6.30 7.79
C TYR A 201 20.46 -6.38 6.79
N MET A 202 20.18 -5.28 6.09
CA MET A 202 19.15 -5.22 5.07
C MET A 202 19.74 -4.72 3.75
N HIS A 203 19.35 -5.35 2.66
CA HIS A 203 19.45 -4.70 1.37
C HIS A 203 18.12 -4.00 1.11
N MET A 204 18.16 -2.67 1.07
CA MET A 204 16.99 -1.85 0.78
C MET A 204 17.00 -1.63 -0.73
N SER A 205 16.22 -2.43 -1.44
CA SER A 205 16.29 -2.52 -2.88
C SER A 205 14.86 -2.48 -3.41
N GLU A 206 14.60 -1.62 -4.39
CA GLU A 206 13.28 -1.53 -4.97
C GLU A 206 12.96 -2.79 -5.76
N SER A 207 11.66 -2.99 -6.04
CA SER A 207 11.17 -4.26 -6.59
C SER A 207 11.70 -4.56 -7.98
N ASP A 208 12.15 -3.55 -8.71
CA ASP A 208 12.75 -3.72 -10.02
C ASP A 208 14.25 -3.42 -10.01
N ARG A 209 14.85 -3.31 -8.82
CA ARG A 209 16.25 -2.98 -8.62
C ARG A 209 16.56 -1.56 -9.05
N GLY A 210 15.52 -0.72 -9.22
CA GLY A 210 15.69 0.68 -9.55
C GLY A 210 15.92 1.55 -8.33
N THR A 211 15.01 2.51 -8.08
CA THR A 211 15.15 3.48 -7.01
C THR A 211 14.17 3.21 -5.89
N PRO A 212 14.62 2.96 -4.66
CA PRO A 212 13.69 2.84 -3.53
C PRO A 212 12.75 4.04 -3.45
N GLY A 213 11.47 3.75 -3.28
CA GLY A 213 10.42 4.75 -3.28
C GLY A 213 9.61 4.75 -4.55
N PHE A 214 10.07 4.07 -5.60
CA PHE A 214 9.46 4.16 -6.92
C PHE A 214 9.35 2.76 -7.51
N GLY A 215 8.62 1.90 -6.82
CA GLY A 215 8.35 0.57 -7.31
C GLY A 215 7.22 -0.03 -6.50
N ASN A 216 7.31 -1.33 -6.22
CA ASN A 216 6.22 -2.06 -5.61
C ASN A 216 6.52 -2.55 -4.19
N VAL A 217 7.72 -2.26 -3.64
CA VAL A 217 8.02 -2.64 -2.26
C VAL A 217 7.19 -1.77 -1.32
N ALA A 218 6.56 -2.39 -0.31
CA ALA A 218 5.68 -1.69 0.63
C ALA A 218 6.52 -1.13 1.77
N TRP A 219 7.13 0.03 1.52
CA TRP A 219 8.17 0.52 2.42
C TRP A 219 7.64 0.84 3.80
N ASP A 220 6.38 1.27 3.91
CA ASP A 220 5.81 1.52 5.24
C ASP A 220 5.73 0.24 6.05
N ALA A 221 5.33 -0.86 5.42
CA ALA A 221 5.36 -2.14 6.10
C ALA A 221 6.79 -2.55 6.48
N VAL A 222 7.77 -2.29 5.59
CA VAL A 222 9.15 -2.66 5.88
C VAL A 222 9.67 -1.87 7.09
N PHE A 223 9.50 -0.55 7.06
CA PHE A 223 10.03 0.31 8.10
C PHE A 223 9.28 0.12 9.42
N ALA A 224 7.96 -0.08 9.34
CA ALA A 224 7.20 -0.39 10.54
C ALA A 224 7.73 -1.65 11.22
N ALA A 225 7.94 -2.71 10.45
CA ALA A 225 8.47 -3.96 11.02
C ALA A 225 9.87 -3.77 11.59
N LEU A 226 10.75 -3.09 10.85
CA LEU A 226 12.09 -2.79 11.37
C LEU A 226 12.01 -2.03 12.68
N ALA A 227 11.19 -0.97 12.74
CA ALA A 227 11.04 -0.23 13.98
C ALA A 227 10.48 -1.09 15.09
N ALA A 228 9.41 -1.84 14.80
CA ALA A 228 8.75 -2.57 15.87
C ALA A 228 9.60 -3.70 16.44
N ILE A 229 10.46 -4.32 15.64
CA ILE A 229 11.35 -5.35 16.19
C ILE A 229 12.60 -4.75 16.80
N GLY A 230 12.75 -3.43 16.78
CA GLY A 230 13.93 -2.83 17.40
C GLY A 230 15.20 -3.02 16.60
N PHE A 231 15.13 -2.92 15.28
CA PHE A 231 16.27 -3.17 14.41
C PHE A 231 17.43 -2.22 14.73
N LYS A 232 18.64 -2.78 14.84
CA LYS A 232 19.83 -2.02 15.19
C LYS A 232 20.98 -2.16 14.19
N GLY A 233 20.73 -2.68 12.99
CA GLY A 233 21.78 -3.06 12.06
C GLY A 233 22.01 -2.04 10.96
N VAL A 234 22.36 -2.53 9.77
CA VAL A 234 22.72 -1.69 8.65
C VAL A 234 21.62 -1.73 7.58
N LEU A 235 21.27 -0.56 7.05
CA LEU A 235 20.33 -0.42 5.94
C LEU A 235 21.12 -0.05 4.68
N THR A 236 21.40 -1.03 3.83
CA THR A 236 22.28 -0.82 2.69
C THR A 236 21.45 -0.75 1.42
N LEU A 237 21.60 0.34 0.68
CA LEU A 237 20.96 0.47 -0.64
C LEU A 237 21.62 -0.47 -1.65
N GLU A 238 20.78 -1.21 -2.37
CA GLU A 238 21.23 -2.03 -3.49
C GLU A 238 20.37 -1.69 -4.69
N SER A 239 21.00 -1.29 -5.79
CA SER A 239 20.33 -0.92 -7.03
C SER A 239 21.24 -1.34 -8.18
N PHE A 240 20.67 -1.68 -9.32
CA PHE A 240 21.47 -2.08 -10.48
C PHE A 240 21.72 -0.93 -11.46
N ALA A 241 21.44 0.32 -11.05
CA ALA A 241 21.47 1.47 -11.97
C ALA A 241 22.84 1.74 -12.58
N ALA A 242 23.93 1.31 -11.95
CA ALA A 242 25.26 1.51 -12.52
C ALA A 242 25.75 0.30 -13.28
N MET A 243 24.96 -0.75 -13.36
CA MET A 243 25.45 -1.99 -13.93
C MET A 243 25.58 -1.85 -15.43
N PRO A 244 26.75 -2.14 -16.00
CA PRO A 244 26.89 -2.12 -17.46
C PRO A 244 26.29 -3.36 -18.09
N GLU A 245 26.03 -3.26 -19.40
CA GLU A 245 25.38 -4.36 -20.11
C GLU A 245 26.23 -5.62 -20.10
N GLU A 246 27.55 -5.49 -19.95
CA GLU A 246 28.43 -6.66 -19.88
C GLU A 246 28.04 -7.58 -18.74
N MET A 247 27.46 -7.03 -17.69
CA MET A 247 27.09 -7.82 -16.51
C MET A 247 25.70 -8.44 -16.62
N ALA A 248 24.99 -8.22 -17.74
CA ALA A 248 23.56 -8.53 -17.81
C ALA A 248 23.27 -9.96 -17.37
N GLY A 249 24.04 -10.91 -17.89
CA GLY A 249 23.80 -12.30 -17.56
C GLY A 249 24.04 -12.63 -16.10
N ALA A 250 25.06 -12.01 -15.49
CA ALA A 250 25.38 -12.31 -14.10
C ALA A 250 24.26 -11.89 -13.14
N ILE A 251 23.46 -10.89 -13.51
CA ILE A 251 22.40 -10.39 -12.65
C ILE A 251 21.03 -10.61 -13.26
N SER A 252 20.94 -11.37 -14.36
CA SER A 252 19.67 -11.63 -15.02
C SER A 252 18.91 -10.33 -15.28
N THR A 253 19.64 -9.31 -15.71
CA THR A 253 19.07 -7.99 -15.96
C THR A 253 19.24 -7.64 -17.43
N TRP A 254 18.13 -7.43 -18.14
CA TRP A 254 18.14 -7.32 -19.59
C TRP A 254 17.86 -5.92 -20.11
N ARG A 255 17.52 -4.97 -19.25
CA ARG A 255 17.17 -3.62 -19.68
C ARG A 255 17.51 -2.67 -18.54
N PRO A 256 17.60 -1.36 -18.81
CA PRO A 256 17.90 -0.41 -17.73
C PRO A 256 16.92 -0.54 -16.57
N VAL A 257 17.43 -0.40 -15.34
CA VAL A 257 16.58 -0.40 -14.17
C VAL A 257 16.19 1.01 -13.73
N ALA A 258 16.90 2.02 -14.20
CA ALA A 258 16.66 3.39 -13.80
C ALA A 258 17.32 4.28 -14.85
N SER A 259 17.36 5.58 -14.58
CA SER A 259 17.96 6.50 -15.54
C SER A 259 19.44 6.74 -15.29
N GLY A 260 19.95 6.39 -14.11
CA GLY A 260 21.35 6.58 -13.83
C GLY A 260 21.68 6.45 -12.36
N ALA A 261 22.90 6.02 -12.05
CA ALA A 261 23.29 5.82 -10.66
C ALA A 261 23.19 7.12 -9.87
N ASP A 262 23.44 8.26 -10.52
CA ASP A 262 23.49 9.52 -9.79
C ASP A 262 22.14 9.85 -9.16
N GLU A 263 21.05 9.58 -9.86
CA GLU A 263 19.75 9.95 -9.31
C GLU A 263 19.19 8.85 -8.39
N VAL A 264 19.62 7.61 -8.57
CA VAL A 264 19.31 6.58 -7.59
C VAL A 264 19.98 6.90 -6.26
N LEU A 265 21.25 7.31 -6.31
CA LEU A 265 21.97 7.70 -5.09
C LEU A 265 21.30 8.90 -4.43
N ASP A 266 21.04 9.95 -5.20
CA ASP A 266 20.38 11.14 -4.67
C ASP A 266 19.02 10.81 -4.06
N LYS A 267 18.11 10.24 -4.87
CA LYS A 267 16.73 10.05 -4.45
C LYS A 267 16.58 8.86 -3.51
N GLY A 268 17.26 7.74 -3.82
CA GLY A 268 17.07 6.53 -3.03
C GLY A 268 17.69 6.60 -1.65
N LEU A 269 18.91 7.14 -1.53
CA LEU A 269 19.50 7.29 -0.20
C LEU A 269 18.70 8.30 0.64
N ALA A 270 18.20 9.36 0.00
CA ALA A 270 17.37 10.31 0.73
C ALA A 270 16.07 9.66 1.18
N PHE A 271 15.44 8.86 0.30
CA PHE A 271 14.19 8.20 0.65
C PHE A 271 14.38 7.28 1.86
N LEU A 272 15.46 6.51 1.85
CA LEU A 272 15.74 5.60 2.97
C LEU A 272 16.01 6.38 4.27
N ARG A 273 16.78 7.47 4.17
CA ARG A 273 17.01 8.32 5.34
C ARG A 273 15.72 8.92 5.87
N ASP A 274 14.89 9.41 4.95
CA ASP A 274 13.63 10.05 5.36
C ASP A 274 12.66 9.05 5.97
N LYS A 275 12.58 7.84 5.43
CA LYS A 275 11.68 6.85 6.05
C LYS A 275 12.23 6.40 7.39
N ALA A 276 13.56 6.25 7.51
CA ALA A 276 14.13 5.87 8.80
C ALA A 276 13.77 6.90 9.86
N SER A 277 13.84 8.20 9.52
CA SER A 277 13.46 9.22 10.48
C SER A 277 11.98 9.14 10.81
N GLN A 278 11.13 8.90 9.80
CA GLN A 278 9.69 8.84 10.05
C GLN A 278 9.34 7.73 11.03
N TYR A 279 10.07 6.61 10.97
CA TYR A 279 9.82 5.46 11.83
C TYR A 279 10.82 5.36 12.97
N ARG A 280 11.64 6.39 13.18
CA ARG A 280 12.59 6.47 14.29
C ARG A 280 13.49 5.24 14.36
N ILE A 281 14.02 4.82 13.21
CA ILE A 281 14.79 3.58 13.18
C ILE A 281 16.02 3.66 14.07
N PHE A 282 16.72 4.79 14.07
CA PHE A 282 17.94 4.80 14.87
C PHE A 282 17.84 5.72 16.08
N GLY A 283 16.65 6.24 16.39
CA GLY A 283 16.44 7.07 17.56
C GLY A 283 16.09 8.50 17.22
N MET B 1 -8.25 -9.85 28.57
CA MET B 1 -9.04 -9.56 27.38
C MET B 1 -8.25 -9.85 26.13
N GLN B 2 -8.60 -10.94 25.46
CA GLN B 2 -7.89 -11.41 24.28
C GLN B 2 -8.90 -11.97 23.28
N GLY B 3 -8.73 -11.63 21.99
CA GLY B 3 -9.46 -12.36 20.98
C GLY B 3 -10.11 -11.45 19.96
N PHE B 4 -11.13 -11.98 19.29
CA PHE B 4 -11.84 -11.30 18.22
C PHE B 4 -13.16 -10.77 18.75
N GLY B 5 -13.45 -9.50 18.48
CA GLY B 5 -14.62 -8.86 19.01
C GLY B 5 -15.39 -8.16 17.91
N VAL B 6 -16.66 -7.88 18.19
CA VAL B 6 -17.52 -7.13 17.29
C VAL B 6 -18.33 -6.14 18.12
N HIS B 7 -18.46 -4.92 17.62
CA HIS B 7 -19.24 -3.91 18.33
C HIS B 7 -20.73 -4.20 18.15
N ALA B 8 -21.48 -4.11 19.25
CA ALA B 8 -22.93 -4.36 19.20
C ALA B 8 -23.62 -3.48 18.17
N MET B 9 -23.01 -2.35 17.76
CA MET B 9 -23.62 -1.46 16.79
C MET B 9 -23.90 -2.15 15.46
N MET B 10 -23.27 -3.29 15.18
CA MET B 10 -23.59 -4.01 13.96
C MET B 10 -25.02 -4.52 13.93
N TRP B 11 -25.72 -4.45 15.07
CA TRP B 11 -27.13 -4.81 15.17
C TRP B 11 -27.99 -3.67 15.70
N SER B 12 -27.52 -2.94 16.72
CA SER B 12 -28.25 -1.80 17.27
C SER B 12 -27.43 -1.10 18.35
N LEU B 13 -27.59 0.21 18.49
CA LEU B 13 -27.00 0.88 19.63
C LEU B 13 -27.90 0.85 20.86
N ASN B 14 -29.18 0.49 20.71
CA ASN B 14 -30.06 0.31 21.86
C ASN B 14 -29.74 -0.96 22.61
N TRP B 15 -29.86 -0.91 23.94
CA TRP B 15 -29.62 -2.09 24.76
C TRP B 15 -30.83 -2.44 25.61
N ASP B 16 -31.98 -2.64 24.98
CA ASP B 16 -33.11 -3.25 25.67
C ASP B 16 -32.98 -4.77 25.58
N HIS B 17 -33.91 -5.47 26.20
CA HIS B 17 -33.86 -6.92 26.23
C HIS B 17 -33.91 -7.51 24.82
N GLU B 18 -34.71 -6.90 23.93
CA GLU B 18 -34.80 -7.37 22.56
C GLU B 18 -33.46 -7.18 21.84
N SER B 19 -32.94 -5.94 21.83
CA SER B 19 -31.70 -5.63 21.13
C SER B 19 -30.51 -6.36 21.73
N ALA B 20 -30.51 -6.62 23.04
CA ALA B 20 -29.35 -7.24 23.68
C ALA B 20 -29.18 -8.68 23.22
N ARG B 21 -30.25 -9.47 23.23
CA ARG B 21 -30.12 -10.86 22.80
C ARG B 21 -29.83 -10.97 21.32
N ARG B 22 -30.44 -10.08 20.52
CA ARG B 22 -30.15 -10.07 19.09
C ARG B 22 -28.67 -9.86 18.82
N ALA B 23 -28.04 -8.93 19.55
CA ALA B 23 -26.63 -8.64 19.34
C ALA B 23 -25.73 -9.76 19.85
N ILE B 24 -26.02 -10.26 21.06
CA ILE B 24 -25.17 -11.29 21.65
C ILE B 24 -25.30 -12.60 20.89
N ALA B 25 -26.52 -12.95 20.49
CA ALA B 25 -26.72 -14.12 19.65
C ALA B 25 -25.99 -13.95 18.31
N GLY B 26 -26.12 -12.77 17.70
CA GLY B 26 -25.43 -12.52 16.45
C GLY B 26 -23.92 -12.60 16.60
N ALA B 27 -23.39 -12.06 17.69
CA ALA B 27 -21.95 -12.15 17.93
C ALA B 27 -21.51 -13.59 18.10
N ALA B 28 -22.33 -14.41 18.78
CA ALA B 28 -22.00 -15.83 18.93
C ALA B 28 -22.02 -16.54 17.59
N ASP B 29 -23.03 -16.24 16.75
CA ASP B 29 -23.14 -16.84 15.42
C ASP B 29 -21.87 -16.67 14.60
N TYR B 30 -21.18 -15.54 14.77
CA TYR B 30 -19.96 -15.28 14.03
C TYR B 30 -18.71 -15.68 14.81
N GLY B 31 -18.86 -16.53 15.83
CA GLY B 31 -17.72 -17.08 16.55
C GLY B 31 -16.86 -16.04 17.24
N GLN B 32 -17.42 -14.90 17.60
CA GLN B 32 -16.67 -13.84 18.25
C GLN B 32 -16.43 -14.16 19.72
N ASP B 33 -15.23 -13.82 20.21
CA ASP B 33 -14.92 -13.96 21.62
C ASP B 33 -15.54 -12.86 22.44
N PHE B 34 -15.60 -11.65 21.89
CA PHE B 34 -16.09 -10.49 22.63
C PHE B 34 -17.19 -9.80 21.84
N ILE B 35 -18.16 -9.26 22.56
CA ILE B 35 -19.04 -8.22 22.05
C ILE B 35 -18.71 -6.96 22.84
N GLU B 36 -18.65 -5.83 22.14
CA GLU B 36 -18.51 -4.54 22.79
C GLU B 36 -19.89 -3.90 22.93
N ILE B 37 -20.30 -3.63 24.15
CA ILE B 37 -21.66 -3.18 24.46
C ILE B 37 -21.63 -1.69 24.77
N PRO B 38 -22.28 -0.85 23.97
CA PRO B 38 -22.27 0.59 24.25
C PRO B 38 -23.21 0.93 25.40
N LEU B 39 -22.82 1.94 26.18
CA LEU B 39 -23.61 2.43 27.29
C LEU B 39 -23.99 3.89 26.99
N VAL B 40 -25.11 4.07 26.30
CA VAL B 40 -25.61 5.40 26.00
C VAL B 40 -26.49 5.94 27.12
N ASP B 41 -27.52 5.20 27.50
CA ASP B 41 -28.42 5.60 28.58
C ASP B 41 -28.40 4.53 29.68
N LEU B 42 -27.68 4.82 30.77
CA LEU B 42 -27.45 3.82 31.81
C LEU B 42 -28.72 3.28 32.46
N PRO B 43 -29.76 4.09 32.74
CA PRO B 43 -30.98 3.51 33.33
C PRO B 43 -31.67 2.48 32.43
N SER B 44 -31.59 2.63 31.10
CA SER B 44 -32.20 1.69 30.19
C SER B 44 -31.48 0.34 30.15
N VAL B 45 -30.33 0.22 30.80
CA VAL B 45 -29.51 -0.98 30.72
C VAL B 45 -29.85 -1.91 31.87
N ASP B 46 -30.38 -3.09 31.54
CA ASP B 46 -30.76 -4.10 32.53
C ASP B 46 -29.64 -5.15 32.55
N THR B 47 -28.74 -4.99 33.51
CA THR B 47 -27.52 -5.79 33.55
C THR B 47 -27.81 -7.26 33.86
N ALA B 48 -28.87 -7.53 34.61
CA ALA B 48 -29.19 -8.91 34.94
C ALA B 48 -29.50 -9.70 33.69
N HIS B 49 -30.34 -9.15 32.81
CA HIS B 49 -30.63 -9.84 31.56
C HIS B 49 -29.37 -10.03 30.72
N THR B 50 -28.51 -9.01 30.64
CA THR B 50 -27.37 -9.07 29.74
C THR B 50 -26.39 -10.16 30.15
N ARG B 51 -26.01 -10.20 31.43
CA ARG B 51 -25.07 -11.23 31.89
C ARG B 51 -25.62 -12.63 31.65
N ALA B 52 -26.94 -12.80 31.77
CA ALA B 52 -27.54 -14.09 31.47
C ALA B 52 -27.26 -14.50 30.03
N LEU B 53 -27.53 -13.60 29.10
CA LEU B 53 -27.26 -13.87 27.69
C LEU B 53 -25.79 -14.18 27.45
N LEU B 54 -24.90 -13.34 27.97
CA LEU B 54 -23.47 -13.54 27.78
C LEU B 54 -23.04 -14.94 28.19
N GLU B 55 -23.58 -15.44 29.30
CA GLU B 55 -23.18 -16.75 29.79
C GLU B 55 -23.75 -17.85 28.91
N LYS B 56 -25.01 -17.72 28.48
CA LYS B 56 -25.60 -18.77 27.68
C LYS B 56 -24.88 -18.93 26.34
N TYR B 57 -24.61 -17.81 25.66
CA TYR B 57 -23.99 -17.84 24.34
C TYR B 57 -22.46 -17.88 24.40
N GLY B 58 -21.88 -17.98 25.59
CA GLY B 58 -20.42 -18.11 25.70
C GLY B 58 -19.65 -16.93 25.15
N LEU B 59 -20.12 -15.71 25.44
CA LEU B 59 -19.53 -14.48 24.95
C LEU B 59 -18.97 -13.68 26.11
N ARG B 60 -17.81 -13.07 25.90
CA ARG B 60 -17.29 -12.11 26.86
C ARG B 60 -17.60 -10.70 26.35
N ALA B 61 -17.48 -9.72 27.25
CA ALA B 61 -17.91 -8.38 26.92
C ALA B 61 -16.95 -7.32 27.44
N ALA B 62 -16.79 -6.27 26.64
CA ALA B 62 -16.32 -4.96 27.09
C ALA B 62 -17.44 -3.94 26.87
N CYS B 63 -17.55 -2.99 27.79
CA CYS B 63 -18.45 -1.87 27.62
C CYS B 63 -17.67 -0.69 27.08
N SER B 64 -18.37 0.21 26.38
CA SER B 64 -17.78 1.44 25.90
C SER B 64 -18.80 2.55 25.99
N LEU B 65 -18.30 3.79 25.94
CA LEU B 65 -19.18 4.95 25.95
C LEU B 65 -18.43 6.14 25.38
N VAL B 66 -19.19 7.20 25.19
CA VAL B 66 -18.68 8.54 24.96
C VAL B 66 -19.30 9.41 26.06
N LEU B 67 -18.49 10.25 26.70
CA LEU B 67 -19.02 11.08 27.78
C LEU B 67 -20.02 12.08 27.22
N PRO B 68 -21.20 12.22 27.82
CA PRO B 68 -22.10 13.30 27.45
C PRO B 68 -21.52 14.65 27.89
N GLU B 69 -21.87 15.69 27.14
CA GLU B 69 -21.28 17.01 27.39
C GLU B 69 -21.38 17.50 28.84
N PRO B 70 -22.48 17.32 29.59
CA PRO B 70 -22.43 17.76 30.99
C PRO B 70 -21.34 17.07 31.79
N ALA B 71 -20.82 15.95 31.29
CA ALA B 71 -19.83 15.15 32.01
C ALA B 71 -18.44 15.18 31.35
N TRP B 72 -18.17 16.14 30.46
CA TRP B 72 -16.87 16.15 29.79
C TRP B 72 -15.76 16.42 30.81
N ALA B 73 -14.81 15.49 30.91
CA ALA B 73 -13.83 15.53 31.99
C ALA B 73 -12.87 16.71 31.88
N SER B 74 -12.73 17.31 30.70
CA SER B 74 -11.79 18.43 30.57
C SER B 74 -12.28 19.66 31.34
N VAL B 75 -13.59 19.81 31.50
CA VAL B 75 -14.19 20.98 32.12
C VAL B 75 -14.88 20.64 33.44
N ARG B 76 -15.57 19.50 33.50
CA ARG B 76 -16.34 19.09 34.67
C ARG B 76 -15.87 17.72 35.15
N PRO B 77 -14.66 17.65 35.72
CA PRO B 77 -14.11 16.34 36.09
C PRO B 77 -14.92 15.60 37.13
N GLU B 78 -15.57 16.32 38.06
CA GLU B 78 -16.38 15.65 39.06
C GLU B 78 -17.60 14.97 38.43
N ALA B 79 -18.29 15.67 37.53
CA ALA B 79 -19.39 15.05 36.78
C ALA B 79 -18.88 13.90 35.91
N ALA B 80 -17.65 13.97 35.42
CA ALA B 80 -17.09 12.86 34.66
C ALA B 80 -16.97 11.60 35.53
N VAL B 81 -16.38 11.77 36.72
CA VAL B 81 -16.19 10.63 37.63
C VAL B 81 -17.53 9.99 37.99
N ALA B 82 -18.53 10.81 38.33
CA ALA B 82 -19.85 10.28 38.65
C ALA B 82 -20.41 9.47 37.48
N HIS B 83 -20.31 10.02 36.27
CA HIS B 83 -20.87 9.32 35.12
C HIS B 83 -20.09 8.05 34.82
N LEU B 84 -18.75 8.15 34.85
CA LEU B 84 -17.89 7.00 34.60
C LEU B 84 -18.09 5.91 35.65
N ASN B 85 -18.24 6.30 36.91
CA ASN B 85 -18.42 5.31 37.96
C ASN B 85 -19.75 4.59 37.84
N ALA B 86 -20.79 5.27 37.38
CA ALA B 86 -22.08 4.60 37.21
C ALA B 86 -22.03 3.61 36.04
N ALA B 87 -21.37 4.00 34.94
CA ALA B 87 -21.19 3.06 33.84
C ALA B 87 -20.39 1.84 34.28
N LEU B 88 -19.32 2.06 35.07
CA LEU B 88 -18.52 0.97 35.59
C LEU B 88 -19.34 0.02 36.46
N ASP B 89 -20.24 0.56 37.27
CA ASP B 89 -21.15 -0.28 38.06
C ASP B 89 -22.00 -1.17 37.14
N LYS B 90 -22.64 -0.57 36.13
CA LYS B 90 -23.46 -1.35 35.20
C LYS B 90 -22.60 -2.36 34.44
N ALA B 91 -21.41 -1.93 34.00
CA ALA B 91 -20.49 -2.83 33.31
C ALA B 91 -20.14 -4.04 34.17
N ALA B 92 -19.84 -3.81 35.45
CA ALA B 92 -19.50 -4.92 36.34
C ALA B 92 -20.70 -5.81 36.59
N GLU B 93 -21.88 -5.21 36.80
CA GLU B 93 -23.09 -6.00 37.02
C GLU B 93 -23.31 -6.99 35.87
N MET B 94 -23.18 -6.52 34.63
CA MET B 94 -23.47 -7.40 33.51
C MET B 94 -22.31 -8.32 33.17
N GLY B 95 -21.21 -8.23 33.92
CA GLY B 95 -20.11 -9.15 33.72
C GLY B 95 -19.12 -8.73 32.66
N ALA B 96 -19.16 -7.48 32.20
CA ALA B 96 -18.13 -6.99 31.31
C ALA B 96 -16.78 -6.99 32.02
N GLU B 97 -15.72 -6.92 31.22
CA GLU B 97 -14.36 -6.96 31.73
C GLU B 97 -13.62 -5.65 31.59
N ALA B 98 -14.24 -4.64 30.96
CA ALA B 98 -13.57 -3.38 30.75
C ALA B 98 -14.60 -2.34 30.34
N LEU B 99 -14.30 -1.08 30.68
CA LEU B 99 -14.97 0.08 30.13
C LEU B 99 -13.96 0.84 29.30
N THR B 100 -14.29 1.13 28.04
CA THR B 100 -13.36 1.74 27.13
C THR B 100 -14.13 2.74 26.26
N GLY B 101 -13.45 3.30 25.27
CA GLY B 101 -14.06 4.31 24.42
C GLY B 101 -13.56 5.70 24.74
N VAL B 102 -14.38 6.71 24.41
CA VAL B 102 -14.01 8.10 24.66
C VAL B 102 -14.43 8.41 26.08
N THR B 103 -13.73 7.78 27.04
CA THR B 103 -14.00 7.85 28.47
C THR B 103 -13.51 9.14 29.10
N TYR B 104 -12.97 10.06 28.30
CA TYR B 104 -12.32 11.27 28.79
C TYR B 104 -12.96 12.54 28.23
N GLY B 105 -13.94 12.40 27.33
CA GLY B 105 -14.55 13.56 26.69
C GLY B 105 -15.61 13.14 25.70
N GLY B 106 -15.89 14.03 24.74
CA GLY B 106 -16.91 13.81 23.74
C GLY B 106 -16.32 13.55 22.36
N THR B 107 -17.21 13.22 21.42
CA THR B 107 -16.90 13.08 20.01
C THR B 107 -17.40 14.25 19.17
N SER B 108 -17.89 15.30 19.84
CA SER B 108 -18.11 16.60 19.22
C SER B 108 -17.48 17.68 20.08
N GLU B 109 -16.42 17.33 20.80
CA GLU B 109 -15.83 18.20 21.79
C GLU B 109 -14.74 19.03 21.15
N ARG B 110 -14.83 20.34 21.34
CA ARG B 110 -13.73 21.19 20.91
C ARG B 110 -13.84 22.49 21.68
N THR B 111 -12.70 23.14 21.81
CA THR B 111 -12.60 24.38 22.53
C THR B 111 -12.27 25.55 21.63
N GLY B 112 -11.83 25.29 20.40
CA GLY B 112 -11.31 26.30 19.52
C GLY B 112 -9.81 26.50 19.60
N PHE B 113 -9.15 25.93 20.60
CA PHE B 113 -7.73 26.08 20.88
C PHE B 113 -7.09 24.72 21.09
N PRO B 114 -5.76 24.65 21.02
CA PRO B 114 -5.06 23.41 21.41
C PRO B 114 -5.34 23.06 22.86
N PRO B 115 -5.22 21.78 23.21
CA PRO B 115 -5.51 21.37 24.60
C PRO B 115 -4.49 21.95 25.57
N THR B 116 -4.98 22.40 26.72
CA THR B 116 -4.14 23.03 27.74
C THR B 116 -3.73 22.02 28.80
N GLN B 117 -2.69 22.37 29.55
CA GLN B 117 -2.29 21.53 30.66
C GLN B 117 -3.38 21.45 31.71
N ALA B 118 -4.16 22.52 31.86
CA ALA B 118 -5.22 22.51 32.88
C ALA B 118 -6.29 21.49 32.51
N GLU B 119 -6.60 21.37 31.23
CA GLU B 119 -7.55 20.35 30.77
C GLU B 119 -7.01 18.96 31.05
N TYR B 120 -5.71 18.73 30.78
CA TYR B 120 -5.14 17.41 31.01
C TYR B 120 -5.07 17.09 32.50
N ASP B 121 -4.84 18.10 33.35
CA ASP B 121 -4.93 17.90 34.79
C ASP B 121 -6.33 17.44 35.17
N ASN B 122 -7.35 18.10 34.59
CA ASN B 122 -8.73 17.67 34.79
C ASN B 122 -8.94 16.23 34.34
N LEU B 123 -8.52 15.92 33.10
CA LEU B 123 -8.59 14.54 32.61
C LEU B 123 -7.95 13.58 33.59
N THR B 124 -6.71 13.88 34.02
CA THR B 124 -5.96 12.97 34.88
C THR B 124 -6.67 12.77 36.22
N ARG B 125 -7.16 13.85 36.81
CA ARG B 125 -7.88 13.75 38.08
C ARG B 125 -9.09 12.86 37.95
N ALA B 126 -9.90 13.08 36.90
CA ALA B 126 -11.11 12.29 36.71
C ALA B 126 -10.77 10.83 36.47
N LEU B 127 -9.88 10.56 35.51
CA LEU B 127 -9.59 9.20 35.10
C LEU B 127 -8.89 8.43 36.21
N SER B 128 -8.02 9.09 36.96
CA SER B 128 -7.39 8.43 38.10
C SER B 128 -8.44 7.89 39.06
N GLN B 129 -9.46 8.69 39.37
CA GLN B 129 -10.48 8.25 40.33
C GLN B 129 -11.30 7.10 39.77
N SER B 130 -11.79 7.24 38.54
CA SER B 130 -12.68 6.23 37.98
C SER B 130 -11.92 4.95 37.64
N ALA B 131 -10.67 5.06 37.18
CA ALA B 131 -9.85 3.86 36.98
C ALA B 131 -9.66 3.09 38.28
N GLY B 132 -9.51 3.81 39.40
CA GLY B 132 -9.37 3.13 40.68
C GLY B 132 -10.66 2.44 41.09
N HIS B 133 -11.79 3.12 40.89
CA HIS B 133 -13.09 2.46 41.10
C HIS B 133 -13.21 1.25 40.19
N ALA B 134 -12.81 1.37 38.93
CA ALA B 134 -12.81 0.23 38.03
C ALA B 134 -11.96 -0.91 38.56
N LYS B 135 -10.79 -0.58 39.13
CA LYS B 135 -9.88 -1.61 39.61
C LYS B 135 -10.50 -2.41 40.75
N THR B 136 -11.24 -1.75 41.64
CA THR B 136 -11.94 -2.45 42.71
C THR B 136 -13.02 -3.37 42.18
N LEU B 137 -13.61 -3.05 41.02
CA LEU B 137 -14.59 -3.94 40.41
C LEU B 137 -13.95 -5.03 39.56
N GLY B 138 -12.63 -5.06 39.47
CA GLY B 138 -11.98 -6.02 38.61
C GLY B 138 -12.03 -5.68 37.15
N LEU B 139 -12.37 -4.43 36.81
CA LEU B 139 -12.49 -3.98 35.43
C LEU B 139 -11.25 -3.23 35.01
N GLN B 140 -10.87 -3.39 33.73
CA GLN B 140 -9.88 -2.52 33.12
C GLN B 140 -10.56 -1.29 32.51
N PHE B 141 -9.77 -0.24 32.32
CA PHE B 141 -10.28 1.06 31.91
C PHE B 141 -9.52 1.49 30.66
N GLY B 142 -10.25 1.78 29.59
CA GLY B 142 -9.65 2.08 28.30
C GLY B 142 -9.83 3.53 27.87
N ILE B 143 -8.85 4.02 27.13
CA ILE B 143 -8.79 5.38 26.61
C ILE B 143 -8.63 5.24 25.10
N GLU B 144 -9.66 5.62 24.34
CA GLU B 144 -9.63 5.51 22.88
C GLU B 144 -9.25 6.84 22.26
N ALA B 145 -8.22 6.82 21.41
CA ALA B 145 -7.83 8.03 20.69
C ALA B 145 -8.73 8.22 19.47
N VAL B 146 -9.20 9.46 19.25
CA VAL B 146 -10.08 9.76 18.12
C VAL B 146 -9.52 10.94 17.35
N ASN B 147 -10.09 11.18 16.17
CA ASN B 147 -9.48 12.15 15.27
C ASN B 147 -9.76 13.60 15.72
N ARG B 148 -9.01 14.52 15.11
CA ARG B 148 -9.00 15.93 15.50
C ARG B 148 -10.38 16.58 15.38
N TYR B 149 -11.28 16.03 14.56
CA TYR B 149 -12.60 16.62 14.42
C TYR B 149 -13.56 16.18 15.51
N GLU B 150 -13.28 15.08 16.20
CA GLU B 150 -14.19 14.64 17.26
C GLU B 150 -13.81 15.18 18.62
N ASN B 151 -12.54 15.46 18.84
CA ASN B 151 -12.05 15.78 20.16
C ASN B 151 -10.67 16.39 20.00
N HIS B 152 -10.34 17.37 20.84
CA HIS B 152 -9.07 18.08 20.72
C HIS B 152 -8.02 17.62 21.71
N LEU B 153 -8.30 16.59 22.51
CA LEU B 153 -7.47 16.24 23.65
C LEU B 153 -6.63 14.99 23.44
N VAL B 154 -7.18 13.93 22.85
CA VAL B 154 -6.47 12.66 22.71
C VAL B 154 -6.68 12.19 21.27
N ASN B 155 -5.77 12.56 20.37
CA ASN B 155 -5.86 12.20 18.96
C ASN B 155 -4.85 11.15 18.53
N SER B 156 -3.60 11.25 18.94
CA SER B 156 -2.56 10.31 18.54
C SER B 156 -2.31 9.29 19.66
N ALA B 157 -1.73 8.15 19.27
CA ALA B 157 -1.33 7.18 20.28
C ALA B 157 -0.37 7.82 21.28
N GLU B 158 0.56 8.63 20.80
CA GLU B 158 1.53 9.28 21.67
C GLU B 158 0.82 10.08 22.75
N GLN B 159 -0.25 10.79 22.38
CA GLN B 159 -1.02 11.51 23.38
C GLN B 159 -1.69 10.56 24.36
N ALA B 160 -2.26 9.46 23.85
CA ALA B 160 -2.93 8.54 24.77
C ALA B 160 -1.94 7.90 25.72
N VAL B 161 -0.76 7.55 25.21
CA VAL B 161 0.29 6.96 26.05
C VAL B 161 0.68 7.92 27.15
N ALA B 162 0.94 9.18 26.79
CA ALA B 162 1.40 10.15 27.78
C ALA B 162 0.35 10.37 28.87
N LEU B 163 -0.93 10.36 28.49
CA LEU B 163 -1.99 10.52 29.49
C LEU B 163 -2.04 9.31 30.40
N VAL B 164 -1.96 8.10 29.84
CA VAL B 164 -1.94 6.90 30.67
C VAL B 164 -0.72 6.90 31.59
N GLU B 165 0.43 7.33 31.08
CA GLU B 165 1.63 7.40 31.93
C GLU B 165 1.43 8.37 33.08
N ARG B 166 0.82 9.53 32.81
CA ARG B 166 0.60 10.53 33.85
C ARG B 166 -0.31 9.99 34.94
N ILE B 167 -1.37 9.27 34.54
CA ILE B 167 -2.33 8.80 35.55
C ILE B 167 -1.67 7.79 36.47
N GLY B 168 -0.83 6.92 35.91
CA GLY B 168 -0.07 5.96 36.70
C GLY B 168 -0.85 4.79 37.26
N ALA B 169 -1.90 4.35 36.60
CA ALA B 169 -2.69 3.22 37.06
C ALA B 169 -2.38 1.96 36.27
N ASP B 170 -2.44 0.81 36.94
CA ASP B 170 -2.10 -0.48 36.33
C ASP B 170 -3.17 -1.02 35.41
N ASN B 171 -4.41 -0.55 35.54
CA ASN B 171 -5.52 -1.12 34.79
C ASN B 171 -6.04 -0.20 33.69
N ILE B 172 -5.25 0.82 33.30
CA ILE B 172 -5.63 1.67 32.16
C ILE B 172 -4.84 1.25 30.93
N PHE B 173 -5.53 1.07 29.81
CA PHE B 173 -4.89 0.68 28.56
C PHE B 173 -5.23 1.68 27.46
N VAL B 174 -4.37 1.72 26.45
CA VAL B 174 -4.63 2.51 25.25
C VAL B 174 -5.48 1.69 24.29
N HIS B 175 -6.46 2.35 23.70
CA HIS B 175 -7.38 1.76 22.74
C HIS B 175 -7.24 2.59 21.47
N LEU B 176 -6.85 1.95 20.36
CA LEU B 176 -6.66 2.67 19.11
C LEU B 176 -7.71 2.26 18.08
N ASP B 177 -7.93 3.13 17.10
CA ASP B 177 -9.00 2.94 16.12
C ASP B 177 -8.40 3.25 14.75
N THR B 178 -8.44 2.25 13.84
CA THR B 178 -7.77 2.43 12.56
C THR B 178 -8.42 3.54 11.75
N PHE B 179 -9.72 3.75 11.94
CA PHE B 179 -10.38 4.86 11.24
C PHE B 179 -9.78 6.19 11.67
N HIS B 180 -9.57 6.37 12.98
CA HIS B 180 -8.98 7.61 13.47
C HIS B 180 -7.49 7.68 13.22
N MET B 181 -6.79 6.55 13.36
CA MET B 181 -5.34 6.52 13.09
C MET B 181 -5.04 6.83 11.64
N ASN B 182 -5.93 6.45 10.72
CA ASN B 182 -5.68 6.74 9.31
C ASN B 182 -5.43 8.22 9.09
N MET B 183 -6.05 9.08 9.90
CA MET B 183 -5.81 10.51 9.86
C MET B 183 -4.70 10.95 10.82
N GLU B 184 -4.71 10.45 12.06
CA GLU B 184 -3.90 11.03 13.12
C GLU B 184 -2.46 10.55 13.13
N GLU B 185 -2.15 9.39 12.57
CA GLU B 185 -0.82 8.78 12.75
C GLU B 185 0.03 9.00 11.50
N LYS B 186 1.26 9.47 11.69
CA LYS B 186 2.16 9.71 10.57
C LYS B 186 2.71 8.36 10.10
N GLY B 187 1.84 7.63 9.40
CA GLY B 187 2.10 6.23 9.14
C GLY B 187 1.44 5.41 10.22
N ILE B 188 0.34 4.73 9.87
CA ILE B 188 -0.56 4.13 10.87
C ILE B 188 0.20 3.20 11.82
N ALA B 189 1.23 2.50 11.35
CA ALA B 189 1.95 1.59 12.23
C ALA B 189 2.67 2.34 13.34
N ASN B 190 2.99 3.62 13.13
CA ASN B 190 3.64 4.40 14.16
C ASN B 190 2.79 4.57 15.40
N GLY B 191 1.47 4.53 15.25
CA GLY B 191 0.61 4.63 16.43
C GLY B 191 0.64 3.36 17.26
N ILE B 192 0.57 2.22 16.60
CA ILE B 192 0.66 0.93 17.28
C ILE B 192 2.01 0.78 17.97
N ILE B 193 3.09 1.15 17.27
CA ILE B 193 4.43 1.06 17.87
C ILE B 193 4.51 1.95 19.11
N ALA B 194 4.01 3.19 19.00
CA ALA B 194 4.08 4.12 20.12
C ALA B 194 3.36 3.60 21.35
N ALA B 195 2.28 2.85 21.15
CA ALA B 195 1.43 2.38 22.24
C ALA B 195 1.82 0.98 22.74
N HIS B 196 2.96 0.44 22.29
CA HIS B 196 3.29 -0.97 22.48
C HIS B 196 3.21 -1.41 23.94
N ASP B 197 3.58 -0.54 24.88
CA ASP B 197 3.51 -0.92 26.30
C ASP B 197 2.10 -0.91 26.87
N TYR B 198 1.12 -0.33 26.17
CA TYR B 198 -0.19 -0.09 26.76
C TYR B 198 -1.35 -0.52 25.87
N LEU B 199 -1.08 -0.98 24.65
CA LEU B 199 -2.13 -1.25 23.67
C LEU B 199 -2.79 -2.60 23.97
N LYS B 200 -4.05 -2.58 24.38
CA LYS B 200 -4.75 -3.83 24.61
C LYS B 200 -6.05 -3.96 23.84
N TYR B 201 -6.37 -3.01 22.96
CA TYR B 201 -7.70 -3.01 22.38
C TYR B 201 -7.65 -2.22 21.09
N MET B 202 -8.15 -2.82 20.02
CA MET B 202 -8.22 -2.17 18.71
C MET B 202 -9.65 -2.11 18.24
N HIS B 203 -10.04 -0.95 17.69
CA HIS B 203 -11.17 -0.87 16.77
C HIS B 203 -10.58 -0.99 15.37
N MET B 204 -10.88 -2.11 14.71
CA MET B 204 -10.48 -2.39 13.34
C MET B 204 -11.61 -1.90 12.44
N SER B 205 -11.44 -0.71 11.90
CA SER B 205 -12.49 -0.03 11.16
C SER B 205 -11.89 0.44 9.85
N GLU B 206 -12.63 0.29 8.77
CA GLU B 206 -12.12 0.80 7.50
C GLU B 206 -12.13 2.33 7.52
N SER B 207 -11.42 2.91 6.53
CA SER B 207 -11.21 4.35 6.45
C SER B 207 -12.52 5.12 6.30
N ASP B 208 -13.55 4.50 5.71
CA ASP B 208 -14.84 5.15 5.50
C ASP B 208 -15.92 4.61 6.42
N ARG B 209 -15.52 3.88 7.48
CA ARG B 209 -16.41 3.19 8.41
C ARG B 209 -17.17 2.05 7.76
N GLY B 210 -16.72 1.60 6.58
CA GLY B 210 -17.39 0.54 5.86
C GLY B 210 -16.93 -0.87 6.22
N THR B 211 -16.27 -1.55 5.28
CA THR B 211 -15.88 -2.95 5.42
C THR B 211 -14.38 -3.04 5.46
N PRO B 212 -13.77 -3.57 6.54
CA PRO B 212 -12.32 -3.78 6.53
C PRO B 212 -11.91 -4.65 5.36
N GLY B 213 -10.85 -4.25 4.68
CA GLY B 213 -10.44 -4.81 3.42
C GLY B 213 -10.82 -3.99 2.22
N PHE B 214 -11.75 -3.03 2.35
CA PHE B 214 -12.30 -2.31 1.19
C PHE B 214 -12.29 -0.81 1.45
N GLY B 215 -11.09 -0.27 1.61
CA GLY B 215 -10.90 1.14 1.87
C GLY B 215 -9.44 1.51 1.80
N ASN B 216 -9.02 2.47 2.62
CA ASN B 216 -7.67 3.00 2.52
C ASN B 216 -6.82 2.72 3.73
N VAL B 217 -7.32 1.97 4.72
CA VAL B 217 -6.47 1.58 5.83
C VAL B 217 -5.41 0.60 5.32
N ALA B 218 -4.16 0.85 5.70
CA ALA B 218 -3.05 -0.03 5.27
C ALA B 218 -2.99 -1.23 6.21
N TRP B 219 -3.81 -2.25 5.90
CA TRP B 219 -3.99 -3.34 6.86
C TRP B 219 -2.70 -4.15 7.06
N ASP B 220 -1.86 -4.27 6.03
CA ASP B 220 -0.59 -4.98 6.22
C ASP B 220 0.28 -4.28 7.25
N ALA B 221 0.38 -2.95 7.16
CA ALA B 221 1.16 -2.20 8.15
C ALA B 221 0.55 -2.36 9.54
N VAL B 222 -0.78 -2.35 9.64
CA VAL B 222 -1.44 -2.46 10.95
C VAL B 222 -1.15 -3.82 11.58
N PHE B 223 -1.39 -4.90 10.84
CA PHE B 223 -1.20 -6.23 11.39
C PHE B 223 0.27 -6.55 11.62
N ALA B 224 1.15 -6.02 10.77
CA ALA B 224 2.58 -6.21 10.99
C ALA B 224 3.01 -5.55 12.29
N ALA B 225 2.58 -4.31 12.51
CA ALA B 225 2.89 -3.64 13.77
C ALA B 225 2.30 -4.41 14.95
N LEU B 226 1.04 -4.83 14.83
CA LEU B 226 0.43 -5.58 15.92
C LEU B 226 1.25 -6.82 16.26
N ALA B 227 1.60 -7.61 15.25
CA ALA B 227 2.35 -8.84 15.51
C ALA B 227 3.72 -8.52 16.08
N ALA B 228 4.37 -7.50 15.54
CA ALA B 228 5.75 -7.24 15.92
C ALA B 228 5.87 -6.75 17.36
N ILE B 229 4.88 -6.01 17.86
CA ILE B 229 4.91 -5.64 19.28
C ILE B 229 4.34 -6.71 20.18
N GLY B 230 3.99 -7.87 19.63
CA GLY B 230 3.40 -8.94 20.42
C GLY B 230 2.05 -8.58 21.01
N PHE B 231 1.17 -8.00 20.21
CA PHE B 231 -0.15 -7.60 20.70
C PHE B 231 -0.94 -8.81 21.19
N LYS B 232 -1.61 -8.66 22.34
CA LYS B 232 -2.39 -9.77 22.88
C LYS B 232 -3.81 -9.39 23.29
N GLY B 233 -4.30 -8.23 22.91
CA GLY B 233 -5.63 -7.80 23.29
C GLY B 233 -6.72 -8.26 22.35
N VAL B 234 -7.74 -7.42 22.20
CA VAL B 234 -8.94 -7.71 21.43
C VAL B 234 -8.90 -6.90 20.14
N LEU B 235 -9.24 -7.53 19.02
CA LEU B 235 -9.45 -6.85 17.75
C LEU B 235 -10.95 -6.78 17.49
N THR B 236 -11.53 -5.60 17.61
CA THR B 236 -12.98 -5.45 17.56
C THR B 236 -13.40 -4.73 16.27
N LEU B 237 -14.26 -5.38 15.50
CA LEU B 237 -14.79 -4.76 14.29
C LEU B 237 -15.68 -3.57 14.64
N GLU B 238 -15.41 -2.42 14.06
CA GLU B 238 -16.29 -1.25 14.14
C GLU B 238 -16.66 -0.81 12.74
N SER B 239 -17.97 -0.70 12.48
CA SER B 239 -18.50 -0.29 11.18
C SER B 239 -19.85 0.34 11.43
N PHE B 240 -20.19 1.33 10.59
CA PHE B 240 -21.44 2.07 10.71
C PHE B 240 -22.54 1.51 9.81
N ALA B 241 -22.36 0.27 9.33
CA ALA B 241 -23.23 -0.26 8.29
C ALA B 241 -24.66 -0.49 8.77
N ALA B 242 -24.88 -0.64 10.07
CA ALA B 242 -26.22 -0.86 10.60
C ALA B 242 -26.83 0.39 11.22
N MET B 243 -26.10 1.50 11.26
CA MET B 243 -26.60 2.70 11.90
C MET B 243 -27.84 3.19 11.18
N PRO B 244 -28.93 3.49 11.91
CA PRO B 244 -30.09 4.12 11.27
C PRO B 244 -29.80 5.57 10.92
N GLU B 245 -30.55 6.09 9.95
CA GLU B 245 -30.25 7.45 9.49
C GLU B 245 -30.49 8.49 10.58
N GLU B 246 -31.36 8.20 11.54
CA GLU B 246 -31.56 9.10 12.65
C GLU B 246 -30.31 9.28 13.52
N MET B 247 -29.31 8.41 13.39
CA MET B 247 -28.03 8.58 14.07
C MET B 247 -27.04 9.46 13.31
N ALA B 248 -27.37 9.87 12.09
CA ALA B 248 -26.45 10.61 11.21
C ALA B 248 -25.68 11.69 11.95
N GLY B 249 -26.40 12.62 12.58
CA GLY B 249 -25.74 13.76 13.21
C GLY B 249 -24.81 13.35 14.33
N ALA B 250 -25.18 12.31 15.09
CA ALA B 250 -24.38 11.91 16.23
C ALA B 250 -23.02 11.33 15.82
N ILE B 251 -22.92 10.81 14.59
CA ILE B 251 -21.70 10.16 14.11
C ILE B 251 -21.14 10.83 12.86
N SER B 252 -21.66 12.02 12.52
CA SER B 252 -21.27 12.78 11.33
C SER B 252 -21.20 11.89 10.09
N THR B 253 -22.22 11.05 9.91
CA THR B 253 -22.26 10.13 8.77
C THR B 253 -23.48 10.48 7.93
N TRP B 254 -23.23 10.99 6.73
CA TRP B 254 -24.31 11.58 5.94
C TRP B 254 -24.75 10.71 4.77
N ARG B 255 -24.06 9.61 4.49
CA ARG B 255 -24.42 8.75 3.36
C ARG B 255 -24.05 7.33 3.76
N PRO B 256 -24.54 6.32 3.01
CA PRO B 256 -24.25 4.94 3.42
C PRO B 256 -22.76 4.62 3.38
N VAL B 257 -22.35 3.72 4.28
CA VAL B 257 -20.96 3.29 4.35
C VAL B 257 -20.73 1.94 3.68
N ALA B 258 -21.78 1.16 3.44
CA ALA B 258 -21.63 -0.16 2.86
C ALA B 258 -23.01 -0.66 2.43
N SER B 259 -23.09 -1.94 2.05
CA SER B 259 -24.33 -2.55 1.56
C SER B 259 -24.96 -3.42 2.63
N GLY B 260 -25.21 -2.86 3.81
CA GLY B 260 -25.86 -3.61 4.86
C GLY B 260 -24.88 -4.33 5.78
N ALA B 261 -25.36 -4.59 7.00
CA ALA B 261 -24.50 -5.12 8.04
C ALA B 261 -24.13 -6.58 7.79
N ASP B 262 -25.05 -7.37 7.23
CA ASP B 262 -24.76 -8.78 7.00
C ASP B 262 -23.52 -8.97 6.13
N GLU B 263 -23.38 -8.16 5.07
CA GLU B 263 -22.17 -8.23 4.24
C GLU B 263 -20.92 -7.84 5.02
N VAL B 264 -21.02 -6.81 5.86
CA VAL B 264 -19.85 -6.36 6.63
C VAL B 264 -19.43 -7.42 7.64
N LEU B 265 -20.39 -7.98 8.36
CA LEU B 265 -20.09 -9.06 9.30
C LEU B 265 -19.41 -10.22 8.59
N ASP B 266 -20.02 -10.72 7.51
CA ASP B 266 -19.45 -11.79 6.72
C ASP B 266 -18.03 -11.45 6.24
N LYS B 267 -17.92 -10.43 5.38
CA LYS B 267 -16.65 -10.13 4.74
C LYS B 267 -15.63 -9.55 5.73
N GLY B 268 -16.10 -8.67 6.61
CA GLY B 268 -15.19 -7.94 7.48
C GLY B 268 -14.61 -8.78 8.60
N LEU B 269 -15.46 -9.55 9.30
CA LEU B 269 -14.93 -10.41 10.36
C LEU B 269 -13.99 -11.48 9.80
N ALA B 270 -14.35 -12.06 8.66
CA ALA B 270 -13.47 -13.02 8.00
C ALA B 270 -12.12 -12.39 7.65
N PHE B 271 -12.15 -11.13 7.17
CA PHE B 271 -10.92 -10.46 6.76
C PHE B 271 -10.00 -10.22 7.94
N LEU B 272 -10.57 -9.77 9.06
CA LEU B 272 -9.78 -9.58 10.27
C LEU B 272 -9.20 -10.90 10.74
N ARG B 273 -9.98 -11.97 10.68
CA ARG B 273 -9.49 -13.29 11.06
C ARG B 273 -8.37 -13.77 10.14
N ASP B 274 -8.55 -13.59 8.82
CA ASP B 274 -7.55 -14.08 7.87
C ASP B 274 -6.23 -13.32 8.00
N LYS B 275 -6.31 -12.00 8.18
CA LYS B 275 -5.09 -11.21 8.30
C LYS B 275 -4.37 -11.54 9.59
N ALA B 276 -5.14 -11.74 10.67
CA ALA B 276 -4.55 -12.17 11.93
C ALA B 276 -3.81 -13.49 11.77
N SER B 277 -4.43 -14.46 11.08
CA SER B 277 -3.73 -15.70 10.74
C SER B 277 -2.48 -15.41 9.92
N GLN B 278 -2.61 -14.58 8.88
CA GLN B 278 -1.47 -14.29 8.02
C GLN B 278 -0.29 -13.77 8.83
N TYR B 279 -0.55 -12.89 9.79
CA TYR B 279 0.53 -12.32 10.59
C TYR B 279 0.68 -13.00 11.94
N ARG B 280 0.02 -14.14 12.15
CA ARG B 280 0.16 -14.95 13.36
C ARG B 280 -0.11 -14.16 14.64
N ILE B 281 -1.15 -13.32 14.61
CA ILE B 281 -1.45 -12.47 15.75
C ILE B 281 -1.71 -13.29 17.00
N PHE B 282 -2.53 -14.32 16.88
CA PHE B 282 -2.85 -15.14 18.04
C PHE B 282 -2.33 -16.57 17.93
N GLY B 283 -2.15 -17.10 16.73
CA GLY B 283 -1.69 -18.46 16.55
C GLY B 283 -2.66 -19.51 17.06
N MET C 1 -13.88 -11.89 -25.22
CA MET C 1 -13.65 -12.55 -23.93
C MET C 1 -13.73 -11.59 -22.74
N GLN C 2 -14.64 -11.84 -21.82
CA GLN C 2 -14.81 -10.98 -20.67
C GLN C 2 -15.31 -11.79 -19.48
N GLY C 3 -14.81 -11.48 -18.29
CA GLY C 3 -15.36 -12.06 -17.08
C GLY C 3 -14.27 -12.60 -16.16
N PHE C 4 -14.68 -13.53 -15.29
CA PHE C 4 -13.79 -14.10 -14.29
C PHE C 4 -13.34 -15.48 -14.75
N GLY C 5 -12.04 -15.72 -14.69
CA GLY C 5 -11.47 -17.00 -15.06
C GLY C 5 -10.66 -17.64 -13.93
N VAL C 6 -10.46 -18.95 -14.05
CA VAL C 6 -9.56 -19.66 -13.15
C VAL C 6 -8.70 -20.60 -13.98
N HIS C 7 -7.39 -20.61 -13.71
CA HIS C 7 -6.47 -21.51 -14.38
C HIS C 7 -6.72 -22.94 -13.95
N ALA C 8 -6.74 -23.87 -14.92
CA ALA C 8 -6.97 -25.28 -14.61
C ALA C 8 -5.95 -25.83 -13.61
N MET C 9 -4.76 -25.22 -13.50
CA MET C 9 -3.76 -25.70 -12.55
C MET C 9 -4.25 -25.65 -11.10
N MET C 10 -5.36 -24.95 -10.80
CA MET C 10 -5.92 -25.04 -9.46
C MET C 10 -6.35 -26.46 -9.12
N TRP C 11 -6.59 -27.28 -10.14
CA TRP C 11 -6.83 -28.71 -9.96
C TRP C 11 -5.67 -29.55 -10.47
N SER C 12 -5.16 -29.32 -11.68
CA SER C 12 -3.92 -29.96 -12.13
C SER C 12 -3.48 -29.37 -13.47
N LEU C 13 -2.27 -29.75 -13.88
CA LEU C 13 -1.78 -29.46 -15.24
C LEU C 13 -2.00 -30.61 -16.21
N ASN C 14 -2.32 -31.80 -15.71
CA ASN C 14 -2.73 -32.89 -16.57
C ASN C 14 -4.02 -32.51 -17.30
N TRP C 15 -4.19 -33.06 -18.49
CA TRP C 15 -5.44 -32.86 -19.22
C TRP C 15 -5.89 -34.15 -19.86
N ASP C 16 -5.77 -35.25 -19.12
CA ASP C 16 -6.47 -36.47 -19.47
C ASP C 16 -7.96 -36.30 -19.20
N HIS C 17 -8.75 -37.30 -19.62
CA HIS C 17 -10.21 -37.22 -19.50
C HIS C 17 -10.65 -36.96 -18.07
N GLU C 18 -9.92 -37.50 -17.09
CA GLU C 18 -10.32 -37.32 -15.70
C GLU C 18 -9.98 -35.91 -15.21
N SER C 19 -8.73 -35.47 -15.43
CA SER C 19 -8.34 -34.14 -14.99
C SER C 19 -9.19 -33.06 -15.66
N ALA C 20 -9.46 -33.21 -16.96
CA ALA C 20 -10.29 -32.23 -17.66
C ALA C 20 -11.67 -32.12 -17.02
N ARG C 21 -12.25 -33.26 -16.63
CA ARG C 21 -13.55 -33.25 -15.96
C ARG C 21 -13.46 -32.55 -14.61
N ARG C 22 -12.43 -32.86 -13.82
CA ARG C 22 -12.31 -32.28 -12.47
C ARG C 22 -12.13 -30.77 -12.52
N ALA C 23 -11.30 -30.28 -13.44
CA ALA C 23 -11.06 -28.84 -13.51
C ALA C 23 -12.29 -28.11 -14.04
N ILE C 24 -12.92 -28.65 -15.09
CA ILE C 24 -14.08 -27.97 -15.68
C ILE C 24 -15.25 -28.00 -14.72
N ALA C 25 -15.51 -29.16 -14.11
CA ALA C 25 -16.56 -29.25 -13.09
C ALA C 25 -16.29 -28.29 -11.95
N GLY C 26 -15.05 -28.24 -11.47
CA GLY C 26 -14.73 -27.37 -10.35
C GLY C 26 -14.84 -25.90 -10.69
N ALA C 27 -14.39 -25.51 -11.88
CA ALA C 27 -14.56 -24.13 -12.32
C ALA C 27 -16.04 -23.75 -12.40
N ALA C 28 -16.91 -24.72 -12.71
CA ALA C 28 -18.34 -24.44 -12.71
C ALA C 28 -18.86 -24.25 -11.30
N ASP C 29 -18.38 -25.05 -10.35
CA ASP C 29 -18.82 -24.91 -8.96
C ASP C 29 -18.47 -23.54 -8.41
N TYR C 30 -17.34 -22.99 -8.82
CA TYR C 30 -16.94 -21.68 -8.35
C TYR C 30 -17.47 -20.55 -9.22
N GLY C 31 -18.39 -20.86 -10.13
CA GLY C 31 -19.11 -19.82 -10.85
C GLY C 31 -18.24 -18.98 -11.76
N GLN C 32 -17.21 -19.57 -12.36
CA GLN C 32 -16.32 -18.84 -13.24
C GLN C 32 -16.90 -18.79 -14.66
N ASP C 33 -16.62 -17.69 -15.35
CA ASP C 33 -16.97 -17.60 -16.76
C ASP C 33 -15.99 -18.39 -17.63
N PHE C 34 -14.71 -18.33 -17.32
CA PHE C 34 -13.68 -18.97 -18.14
C PHE C 34 -12.84 -19.93 -17.32
N ILE C 35 -12.39 -20.99 -17.97
CA ILE C 35 -11.29 -21.81 -17.47
C ILE C 35 -10.14 -21.67 -18.46
N GLU C 36 -8.93 -21.49 -17.93
CA GLU C 36 -7.73 -21.45 -18.76
C GLU C 36 -7.14 -22.86 -18.77
N ILE C 37 -7.11 -23.49 -19.94
CA ILE C 37 -6.67 -24.87 -20.07
C ILE C 37 -5.23 -24.89 -20.57
N PRO C 38 -4.28 -25.42 -19.80
CA PRO C 38 -2.90 -25.49 -20.27
C PRO C 38 -2.76 -26.57 -21.33
N LEU C 39 -1.94 -26.30 -22.33
CA LEU C 39 -1.62 -27.25 -23.40
C LEU C 39 -0.16 -27.67 -23.19
N VAL C 40 0.05 -28.81 -22.55
CA VAL C 40 1.40 -29.26 -22.25
C VAL C 40 1.82 -30.30 -23.28
N ASP C 41 1.06 -31.37 -23.38
CA ASP C 41 1.34 -32.47 -24.30
C ASP C 41 0.20 -32.48 -25.31
N LEU C 42 0.39 -31.73 -26.40
CA LEU C 42 -0.64 -31.60 -27.44
C LEU C 42 -1.20 -32.93 -27.92
N PRO C 43 -0.40 -33.95 -28.24
CA PRO C 43 -0.99 -35.21 -28.72
C PRO C 43 -2.00 -35.84 -27.79
N SER C 44 -1.95 -35.54 -26.49
CA SER C 44 -2.81 -36.20 -25.51
C SER C 44 -3.97 -35.32 -25.07
N VAL C 45 -4.39 -34.37 -25.89
CA VAL C 45 -5.53 -33.52 -25.58
C VAL C 45 -6.70 -33.99 -26.46
N ASP C 46 -7.73 -34.53 -25.83
CA ASP C 46 -8.92 -35.03 -26.52
C ASP C 46 -9.89 -33.86 -26.66
N THR C 47 -9.88 -33.23 -27.82
CA THR C 47 -10.67 -32.01 -28.00
C THR C 47 -12.17 -32.30 -28.05
N ALA C 48 -12.56 -33.48 -28.55
CA ALA C 48 -13.96 -33.85 -28.53
C ALA C 48 -14.48 -33.97 -27.11
N HIS C 49 -13.73 -34.67 -26.25
CA HIS C 49 -14.13 -34.88 -24.87
C HIS C 49 -14.17 -33.56 -24.10
N THR C 50 -13.18 -32.69 -24.33
CA THR C 50 -13.15 -31.42 -23.60
C THR C 50 -14.33 -30.54 -23.96
N ARG C 51 -14.56 -30.34 -25.27
CA ARG C 51 -15.70 -29.56 -25.72
C ARG C 51 -17.01 -30.10 -25.13
N ALA C 52 -17.13 -31.43 -25.07
CA ALA C 52 -18.29 -32.06 -24.44
C ALA C 52 -18.44 -31.62 -23.00
N LEU C 53 -17.32 -31.49 -22.29
CA LEU C 53 -17.35 -31.08 -20.89
C LEU C 53 -17.67 -29.59 -20.78
N LEU C 54 -17.01 -28.76 -21.59
CA LEU C 54 -17.28 -27.33 -21.54
C LEU C 54 -18.75 -27.06 -21.81
N GLU C 55 -19.30 -27.74 -22.81
CA GLU C 55 -20.71 -27.54 -23.15
C GLU C 55 -21.62 -28.05 -22.03
N LYS C 56 -21.25 -29.17 -21.39
CA LYS C 56 -22.10 -29.73 -20.34
C LYS C 56 -22.22 -28.77 -19.15
N TYR C 57 -21.15 -28.05 -18.84
CA TYR C 57 -21.10 -27.20 -17.66
C TYR C 57 -21.31 -25.72 -17.98
N GLY C 58 -21.49 -25.37 -19.25
CA GLY C 58 -21.72 -23.99 -19.64
C GLY C 58 -20.53 -23.09 -19.45
N LEU C 59 -19.33 -23.62 -19.66
CA LEU C 59 -18.09 -22.94 -19.34
C LEU C 59 -17.39 -22.49 -20.62
N ARG C 60 -16.81 -21.30 -20.58
CA ARG C 60 -16.00 -20.82 -21.69
C ARG C 60 -14.53 -21.08 -21.39
N ALA C 61 -13.71 -21.18 -22.43
CA ALA C 61 -12.33 -21.57 -22.22
C ALA C 61 -11.39 -20.70 -23.03
N ALA C 62 -10.21 -20.48 -22.47
CA ALA C 62 -9.04 -20.05 -23.21
C ALA C 62 -7.94 -21.06 -22.99
N CYS C 63 -7.06 -21.22 -23.97
CA CYS C 63 -5.92 -22.11 -23.80
C CYS C 63 -4.67 -21.29 -23.54
N SER C 64 -3.68 -21.93 -22.92
CA SER C 64 -2.38 -21.31 -22.72
C SER C 64 -1.31 -22.39 -22.77
N LEU C 65 -0.08 -21.94 -22.99
CA LEU C 65 1.06 -22.84 -23.11
C LEU C 65 2.33 -22.04 -22.86
N VAL C 66 3.41 -22.78 -22.68
CA VAL C 66 4.78 -22.26 -22.81
C VAL C 66 5.43 -23.03 -23.94
N LEU C 67 6.16 -22.34 -24.79
CA LEU C 67 6.84 -23.02 -25.90
C LEU C 67 7.91 -23.95 -25.34
N PRO C 68 7.92 -25.23 -25.72
CA PRO C 68 9.05 -26.09 -25.35
C PRO C 68 10.31 -25.60 -26.05
N GLU C 69 11.45 -25.90 -25.42
CA GLU C 69 12.73 -25.43 -25.94
C GLU C 69 12.94 -25.71 -27.43
N PRO C 70 12.67 -26.91 -27.97
CA PRO C 70 12.84 -27.08 -29.42
C PRO C 70 12.04 -26.09 -30.26
N ALA C 71 11.06 -25.39 -29.66
CA ALA C 71 10.18 -24.51 -30.40
C ALA C 71 10.37 -23.03 -30.06
N TRP C 72 11.40 -22.68 -29.28
CA TRP C 72 11.56 -21.29 -28.85
C TRP C 72 11.72 -20.39 -30.08
N ALA C 73 10.81 -19.42 -30.23
CA ALA C 73 10.82 -18.59 -31.42
C ALA C 73 12.07 -17.72 -31.53
N SER C 74 12.68 -17.39 -30.39
CA SER C 74 13.95 -16.65 -30.40
C SER C 74 14.95 -17.24 -31.38
N VAL C 75 15.05 -18.57 -31.43
CA VAL C 75 16.15 -19.24 -32.12
C VAL C 75 15.62 -20.15 -33.23
N ARG C 76 14.44 -20.75 -33.00
CA ARG C 76 13.84 -21.72 -33.92
C ARG C 76 12.43 -21.27 -34.29
N PRO C 77 12.30 -20.20 -35.09
CA PRO C 77 10.96 -19.65 -35.36
C PRO C 77 10.09 -20.57 -36.18
N GLU C 78 10.69 -21.39 -37.05
CA GLU C 78 9.89 -22.30 -37.86
C GLU C 78 9.26 -23.39 -36.99
N ALA C 79 10.00 -23.95 -36.03
CA ALA C 79 9.40 -24.90 -35.10
C ALA C 79 8.41 -24.21 -34.17
N ALA C 80 8.64 -22.93 -33.84
CA ALA C 80 7.65 -22.18 -33.10
C ALA C 80 6.31 -22.17 -33.83
N VAL C 81 6.34 -21.82 -35.12
CA VAL C 81 5.09 -21.70 -35.88
C VAL C 81 4.37 -23.04 -35.94
N ALA C 82 5.13 -24.12 -36.11
CA ALA C 82 4.53 -25.45 -36.14
C ALA C 82 3.82 -25.76 -34.82
N HIS C 83 4.54 -25.62 -33.70
CA HIS C 83 3.95 -25.93 -32.41
C HIS C 83 2.79 -25.01 -32.07
N LEU C 84 2.91 -23.72 -32.39
CA LEU C 84 1.83 -22.79 -32.06
C LEU C 84 0.59 -23.06 -32.92
N ASN C 85 0.78 -23.35 -34.22
CA ASN C 85 -0.38 -23.66 -35.05
C ASN C 85 -1.01 -24.98 -34.65
N ALA C 86 -0.20 -25.94 -34.20
CA ALA C 86 -0.75 -27.20 -33.69
C ALA C 86 -1.57 -26.96 -32.42
N ALA C 87 -1.05 -26.13 -31.52
CA ALA C 87 -1.81 -25.78 -30.31
C ALA C 87 -3.07 -25.00 -30.64
N LEU C 88 -2.96 -24.06 -31.58
CA LEU C 88 -4.13 -23.30 -32.02
C LEU C 88 -5.21 -24.23 -32.57
N ASP C 89 -4.80 -25.29 -33.26
CA ASP C 89 -5.77 -26.25 -33.80
C ASP C 89 -6.51 -26.95 -32.67
N LYS C 90 -5.78 -27.45 -31.67
CA LYS C 90 -6.44 -28.04 -30.51
C LYS C 90 -7.34 -27.02 -29.82
N ALA C 91 -6.88 -25.78 -29.69
CA ALA C 91 -7.68 -24.76 -29.03
C ALA C 91 -9.01 -24.56 -29.73
N ALA C 92 -8.98 -24.33 -31.05
CA ALA C 92 -10.22 -24.13 -31.79
C ALA C 92 -11.09 -25.38 -31.82
N GLU C 93 -10.46 -26.56 -31.83
CA GLU C 93 -11.22 -27.81 -31.80
C GLU C 93 -12.00 -27.94 -30.50
N MET C 94 -11.41 -27.49 -29.39
CA MET C 94 -12.04 -27.57 -28.07
C MET C 94 -13.15 -26.57 -27.87
N GLY C 95 -13.27 -25.56 -28.73
CA GLY C 95 -14.17 -24.46 -28.47
C GLY C 95 -13.55 -23.32 -27.70
N ALA C 96 -12.26 -23.38 -27.41
CA ALA C 96 -11.58 -22.29 -26.75
C ALA C 96 -11.60 -21.05 -27.64
N GLU C 97 -11.40 -19.89 -27.02
CA GLU C 97 -11.52 -18.64 -27.76
C GLU C 97 -10.19 -17.92 -27.93
N ALA C 98 -9.13 -18.40 -27.30
CA ALA C 98 -7.84 -17.76 -27.41
C ALA C 98 -6.76 -18.75 -27.03
N LEU C 99 -5.57 -18.56 -27.60
CA LEU C 99 -4.36 -19.15 -27.09
C LEU C 99 -3.51 -18.02 -26.53
N THR C 100 -3.06 -18.16 -25.30
CA THR C 100 -2.26 -17.10 -24.68
C THR C 100 -1.15 -17.76 -23.87
N GLY C 101 -0.44 -16.94 -23.09
CA GLY C 101 0.68 -17.44 -22.31
C GLY C 101 2.03 -17.08 -22.89
N VAL C 102 3.05 -17.89 -22.61
CA VAL C 102 4.39 -17.62 -23.12
C VAL C 102 4.49 -18.24 -24.50
N THR C 103 3.75 -17.67 -25.44
CA THR C 103 3.63 -18.13 -26.82
C THR C 103 4.84 -17.76 -27.69
N TYR C 104 5.85 -17.12 -27.12
CA TYR C 104 6.98 -16.60 -27.87
C TYR C 104 8.31 -17.18 -27.42
N GLY C 105 8.32 -18.04 -26.41
CA GLY C 105 9.57 -18.52 -25.87
C GLY C 105 9.31 -19.39 -24.68
N GLY C 106 10.31 -19.52 -23.81
CA GLY C 106 10.24 -20.38 -22.66
C GLY C 106 10.13 -19.60 -21.36
N THR C 107 9.91 -20.36 -20.28
CA THR C 107 9.98 -19.80 -18.94
C THR C 107 11.28 -20.21 -18.23
N SER C 108 12.22 -20.81 -18.96
CA SER C 108 13.58 -20.99 -18.48
C SER C 108 14.55 -20.58 -19.59
N GLU C 109 14.14 -19.61 -20.40
CA GLU C 109 14.89 -19.22 -21.58
C GLU C 109 15.81 -18.06 -21.27
N ARG C 110 17.05 -18.19 -21.72
CA ARG C 110 18.14 -17.33 -21.30
C ARG C 110 19.24 -17.48 -22.33
N THR C 111 19.76 -16.37 -22.85
CA THR C 111 20.97 -16.42 -23.65
C THR C 111 22.18 -15.96 -22.86
N GLY C 112 21.98 -15.22 -21.78
CA GLY C 112 23.07 -14.60 -21.06
C GLY C 112 23.30 -13.16 -21.45
N PHE C 113 22.64 -12.69 -22.51
CA PHE C 113 22.79 -11.34 -23.04
C PHE C 113 21.42 -10.70 -23.17
N PRO C 114 21.38 -9.37 -23.29
CA PRO C 114 20.09 -8.70 -23.56
C PRO C 114 19.50 -9.19 -24.87
N PRO C 115 18.18 -9.07 -25.05
CA PRO C 115 17.57 -9.52 -26.31
C PRO C 115 18.14 -8.73 -27.49
N THR C 116 18.40 -9.44 -28.58
CA THR C 116 18.93 -8.84 -29.80
C THR C 116 17.81 -8.65 -30.82
N GLN C 117 18.05 -7.71 -31.75
CA GLN C 117 17.05 -7.46 -32.79
C GLN C 117 16.87 -8.69 -33.70
N ALA C 118 17.93 -9.48 -33.89
CA ALA C 118 17.76 -10.75 -34.60
C ALA C 118 16.74 -11.63 -33.90
N GLU C 119 16.78 -11.70 -32.57
CA GLU C 119 15.79 -12.49 -31.83
C GLU C 119 14.39 -11.92 -32.01
N TYR C 120 14.25 -10.59 -31.88
CA TYR C 120 12.92 -10.01 -32.04
C TYR C 120 12.42 -10.15 -33.47
N ASP C 121 13.31 -10.15 -34.46
CA ASP C 121 12.88 -10.44 -35.82
C ASP C 121 12.34 -11.86 -35.93
N ASN C 122 12.99 -12.82 -35.26
CA ASN C 122 12.48 -14.19 -35.24
C ASN C 122 11.12 -14.26 -34.55
N LEU C 123 10.98 -13.61 -33.40
CA LEU C 123 9.71 -13.58 -32.70
C LEU C 123 8.61 -13.01 -33.58
N THR C 124 8.89 -11.91 -34.27
CA THR C 124 7.82 -11.25 -35.01
C THR C 124 7.43 -12.06 -36.25
N ARG C 125 8.42 -12.67 -36.92
CA ARG C 125 8.10 -13.53 -38.05
C ARG C 125 7.28 -14.74 -37.60
N ALA C 126 7.72 -15.40 -36.53
CA ALA C 126 7.01 -16.58 -36.07
C ALA C 126 5.59 -16.23 -35.63
N LEU C 127 5.44 -15.18 -34.82
CA LEU C 127 4.13 -14.84 -34.31
C LEU C 127 3.27 -14.18 -35.38
N SER C 128 3.88 -13.45 -36.32
CA SER C 128 3.19 -13.06 -37.54
C SER C 128 2.36 -14.20 -38.11
N GLN C 129 2.96 -15.38 -38.28
CA GLN C 129 2.31 -16.48 -38.98
C GLN C 129 1.27 -17.16 -38.10
N SER C 130 1.64 -17.51 -36.87
CA SER C 130 0.71 -18.25 -36.01
C SER C 130 -0.51 -17.40 -35.67
N ALA C 131 -0.31 -16.10 -35.47
CA ALA C 131 -1.47 -15.23 -35.26
C ALA C 131 -2.35 -15.18 -36.50
N GLY C 132 -1.74 -15.07 -37.69
CA GLY C 132 -2.51 -15.22 -38.91
C GLY C 132 -3.29 -16.51 -38.94
N HIS C 133 -2.65 -17.62 -38.52
CA HIS C 133 -3.35 -18.89 -38.44
C HIS C 133 -4.49 -18.83 -37.43
N ALA C 134 -4.24 -18.24 -36.26
CA ALA C 134 -5.31 -18.06 -35.30
C ALA C 134 -6.44 -17.25 -35.91
N LYS C 135 -6.10 -16.25 -36.74
CA LYS C 135 -7.13 -15.42 -37.37
C LYS C 135 -8.07 -16.26 -38.21
N THR C 136 -7.53 -17.25 -38.95
CA THR C 136 -8.36 -18.08 -39.81
C THR C 136 -9.31 -18.95 -39.01
N LEU C 137 -9.01 -19.23 -37.74
CA LEU C 137 -9.85 -20.08 -36.91
C LEU C 137 -10.72 -19.27 -35.95
N GLY C 138 -10.76 -17.95 -36.10
CA GLY C 138 -11.55 -17.10 -35.23
C GLY C 138 -10.95 -16.84 -33.87
N LEU C 139 -9.69 -17.20 -33.65
CA LEU C 139 -9.05 -17.12 -32.34
C LEU C 139 -8.30 -15.81 -32.15
N GLN C 140 -8.23 -15.39 -30.89
CA GLN C 140 -7.31 -14.34 -30.49
C GLN C 140 -6.02 -14.96 -29.99
N PHE C 141 -4.92 -14.21 -30.12
CA PHE C 141 -3.58 -14.72 -29.83
C PHE C 141 -2.97 -13.85 -28.75
N GLY C 142 -2.57 -14.48 -27.64
CA GLY C 142 -2.09 -13.76 -26.47
C GLY C 142 -0.58 -13.81 -26.32
N ILE C 143 -0.03 -12.76 -25.73
CA ILE C 143 1.39 -12.63 -25.41
C ILE C 143 1.47 -12.27 -23.94
N GLU C 144 1.97 -13.19 -23.10
CA GLU C 144 2.11 -12.95 -21.66
C GLU C 144 3.54 -12.54 -21.34
N ALA C 145 3.69 -11.37 -20.71
CA ALA C 145 4.99 -10.91 -20.24
C ALA C 145 5.31 -11.58 -18.91
N VAL C 146 6.54 -12.06 -18.77
CA VAL C 146 7.00 -12.77 -17.57
C VAL C 146 8.25 -12.10 -17.04
N ASN C 147 8.65 -12.47 -15.82
CA ASN C 147 9.77 -11.75 -15.22
C ASN C 147 11.10 -12.15 -15.86
N ARG C 148 12.14 -11.38 -15.52
CA ARG C 148 13.47 -11.48 -16.11
C ARG C 148 14.14 -12.82 -15.90
N TYR C 149 13.76 -13.56 -14.87
CA TYR C 149 14.36 -14.86 -14.59
C TYR C 149 13.81 -15.98 -15.47
N GLU C 150 12.63 -15.78 -16.06
CA GLU C 150 12.01 -16.79 -16.89
C GLU C 150 12.35 -16.62 -18.36
N ASN C 151 12.51 -15.38 -18.79
CA ASN C 151 12.65 -15.08 -20.20
C ASN C 151 13.33 -13.73 -20.32
N HIS C 152 14.12 -13.55 -21.37
CA HIS C 152 14.85 -12.30 -21.57
C HIS C 152 14.24 -11.42 -22.65
N LEU C 153 13.11 -11.82 -23.21
CA LEU C 153 12.55 -11.17 -24.40
C LEU C 153 11.34 -10.28 -24.14
N VAL C 154 10.40 -10.68 -23.28
CA VAL C 154 9.19 -9.91 -23.04
C VAL C 154 8.96 -9.90 -21.54
N ASN C 155 9.39 -8.83 -20.88
CA ASN C 155 9.28 -8.69 -19.42
C ASN C 155 8.30 -7.62 -18.97
N SER C 156 8.31 -6.46 -19.63
CA SER C 156 7.46 -5.35 -19.27
C SER C 156 6.26 -5.26 -20.21
N ALA C 157 5.23 -4.54 -19.77
CA ALA C 157 4.09 -4.30 -20.65
C ALA C 157 4.52 -3.52 -21.90
N GLU C 158 5.48 -2.60 -21.75
CA GLU C 158 5.91 -1.80 -22.90
C GLU C 158 6.61 -2.66 -23.94
N GLN C 159 7.39 -3.66 -23.50
CA GLN C 159 7.99 -4.60 -24.44
C GLN C 159 6.91 -5.42 -25.14
N ALA C 160 5.92 -5.89 -24.39
CA ALA C 160 4.84 -6.66 -24.99
C ALA C 160 4.07 -5.82 -25.99
N VAL C 161 3.77 -4.57 -25.64
CA VAL C 161 3.08 -3.68 -26.56
C VAL C 161 3.92 -3.44 -27.81
N ALA C 162 5.20 -3.11 -27.61
CA ALA C 162 6.11 -2.91 -28.73
C ALA C 162 6.12 -4.10 -29.68
N LEU C 163 6.13 -5.33 -29.12
CA LEU C 163 6.13 -6.53 -29.95
C LEU C 163 4.83 -6.67 -30.73
N VAL C 164 3.70 -6.48 -30.06
CA VAL C 164 2.40 -6.56 -30.75
C VAL C 164 2.34 -5.57 -31.91
N GLU C 165 2.83 -4.35 -31.70
CA GLU C 165 2.74 -3.33 -32.74
C GLU C 165 3.67 -3.63 -33.91
N ARG C 166 4.81 -4.26 -33.67
CA ARG C 166 5.68 -4.64 -34.77
C ARG C 166 5.06 -5.76 -35.60
N ILE C 167 4.57 -6.82 -34.94
CA ILE C 167 3.85 -7.88 -35.64
C ILE C 167 2.71 -7.29 -36.47
N GLY C 168 1.99 -6.32 -35.90
CA GLY C 168 0.96 -5.64 -36.64
C GLY C 168 -0.26 -6.48 -36.95
N ALA C 169 -0.50 -7.55 -36.19
CA ALA C 169 -1.73 -8.32 -36.34
C ALA C 169 -2.85 -7.67 -35.54
N ASP C 170 -4.08 -7.83 -36.01
CA ASP C 170 -5.24 -7.20 -35.38
C ASP C 170 -5.95 -8.11 -34.39
N ASN C 171 -5.43 -9.31 -34.13
CA ASN C 171 -6.02 -10.27 -33.20
C ASN C 171 -5.02 -10.73 -32.14
N ILE C 172 -3.94 -9.99 -31.92
CA ILE C 172 -3.00 -10.26 -30.85
C ILE C 172 -3.31 -9.33 -29.69
N PHE C 173 -3.33 -9.87 -28.47
CA PHE C 173 -3.57 -9.07 -27.30
C PHE C 173 -2.43 -9.27 -26.31
N VAL C 174 -2.24 -8.26 -25.45
CA VAL C 174 -1.26 -8.35 -24.38
C VAL C 174 -1.93 -8.99 -23.17
N HIS C 175 -1.19 -9.86 -22.49
CA HIS C 175 -1.64 -10.63 -21.35
C HIS C 175 -0.65 -10.34 -20.23
N LEU C 176 -1.14 -9.81 -19.11
CA LEU C 176 -0.23 -9.43 -18.02
C LEU C 176 -0.48 -10.33 -16.81
N ASP C 177 0.50 -10.35 -15.91
CA ASP C 177 0.52 -11.26 -14.77
C ASP C 177 1.04 -10.49 -13.57
N THR C 178 0.18 -10.29 -12.56
CA THR C 178 0.56 -9.45 -11.42
C THR C 178 1.76 -10.02 -10.66
N PHE C 179 2.00 -11.33 -10.72
CA PHE C 179 3.20 -11.88 -10.08
C PHE C 179 4.46 -11.40 -10.78
N HIS C 180 4.43 -11.40 -12.12
CA HIS C 180 5.57 -10.91 -12.90
C HIS C 180 5.66 -9.37 -12.88
N MET C 181 4.51 -8.70 -12.95
CA MET C 181 4.52 -7.25 -12.89
C MET C 181 5.04 -6.74 -11.55
N ASN C 182 4.85 -7.51 -10.49
CA ASN C 182 5.30 -7.08 -9.16
C ASN C 182 6.81 -6.87 -9.16
N MET C 183 7.52 -7.55 -10.06
CA MET C 183 8.94 -7.35 -10.28
C MET C 183 9.24 -6.42 -11.47
N GLU C 184 8.54 -6.57 -12.59
CA GLU C 184 8.97 -5.91 -13.81
C GLU C 184 8.50 -4.46 -13.94
N GLU C 185 7.34 -4.12 -13.38
CA GLU C 185 6.74 -2.81 -13.59
C GLU C 185 7.19 -1.82 -12.52
N LYS C 186 7.61 -0.63 -12.94
CA LYS C 186 8.03 0.41 -11.99
C LYS C 186 6.77 1.06 -11.43
N GLY C 187 6.16 0.36 -10.47
CA GLY C 187 4.79 0.64 -10.09
C GLY C 187 3.87 -0.20 -10.95
N ILE C 188 3.26 -1.22 -10.35
CA ILE C 188 2.55 -2.24 -11.11
C ILE C 188 1.47 -1.64 -12.01
N ALA C 189 0.82 -0.56 -11.56
CA ALA C 189 -0.24 0.06 -12.37
C ALA C 189 0.29 0.62 -13.68
N ASN C 190 1.57 1.01 -13.72
CA ASN C 190 2.18 1.49 -14.96
C ASN C 190 2.19 0.42 -16.03
N GLY C 191 2.20 -0.85 -15.63
CA GLY C 191 2.13 -1.91 -16.64
C GLY C 191 0.77 -1.95 -17.29
N ILE C 192 -0.29 -1.87 -16.48
CA ILE C 192 -1.65 -1.92 -17.03
C ILE C 192 -1.91 -0.71 -17.90
N ILE C 193 -1.41 0.45 -17.48
CA ILE C 193 -1.57 1.68 -18.24
C ILE C 193 -0.83 1.60 -19.57
N ALA C 194 0.39 1.05 -19.57
CA ALA C 194 1.14 0.94 -20.82
C ALA C 194 0.44 0.01 -21.80
N ALA C 195 -0.18 -1.06 -21.29
CA ALA C 195 -0.83 -2.01 -22.19
C ALA C 195 -2.22 -1.53 -22.62
N HIS C 196 -2.89 -0.75 -21.77
CA HIS C 196 -4.19 -0.13 -22.00
C HIS C 196 -5.08 -0.90 -22.97
N ASP C 197 -5.10 -0.48 -24.23
CA ASP C 197 -6.08 -1.00 -25.18
C ASP C 197 -5.75 -2.43 -25.63
N TYR C 198 -4.46 -2.79 -25.68
CA TYR C 198 -4.09 -4.17 -26.04
C TYR C 198 -4.26 -5.15 -24.89
N LEU C 199 -4.58 -4.68 -23.68
CA LEU C 199 -4.69 -5.56 -22.52
C LEU C 199 -6.07 -6.20 -22.53
N LYS C 200 -6.13 -7.52 -22.72
CA LYS C 200 -7.42 -8.20 -22.70
C LYS C 200 -7.43 -9.41 -21.78
N TYR C 201 -6.38 -9.64 -21.02
CA TYR C 201 -6.28 -10.84 -20.22
C TYR C 201 -5.27 -10.59 -19.11
N MET C 202 -5.64 -10.98 -17.90
CA MET C 202 -4.82 -10.80 -16.71
C MET C 202 -4.73 -12.12 -15.97
N HIS C 203 -3.51 -12.50 -15.59
CA HIS C 203 -3.33 -13.47 -14.52
C HIS C 203 -3.28 -12.70 -13.21
N MET C 204 -4.27 -12.92 -12.37
CA MET C 204 -4.34 -12.31 -11.04
C MET C 204 -3.69 -13.27 -10.07
N SER C 205 -2.45 -12.98 -9.69
CA SER C 205 -1.64 -13.89 -8.93
C SER C 205 -0.99 -13.11 -7.78
N GLU C 206 -0.98 -13.69 -6.59
CA GLU C 206 -0.29 -13.03 -5.48
C GLU C 206 1.22 -13.05 -5.72
N SER C 207 1.95 -12.24 -4.95
CA SER C 207 3.39 -12.03 -5.19
C SER C 207 4.19 -13.30 -4.97
N ASP C 208 3.66 -14.24 -4.20
CA ASP C 208 4.34 -15.49 -3.91
C ASP C 208 3.64 -16.67 -4.57
N ARG C 209 2.75 -16.39 -5.53
CA ARG C 209 1.90 -17.39 -6.18
C ARG C 209 0.92 -18.06 -5.22
N GLY C 210 0.74 -17.49 -4.03
CA GLY C 210 -0.23 -18.00 -3.08
C GLY C 210 -1.66 -17.53 -3.32
N THR C 211 -2.22 -16.80 -2.34
CA THR C 211 -3.62 -16.38 -2.37
C THR C 211 -3.72 -14.89 -2.62
N PRO C 212 -4.33 -14.44 -3.70
CA PRO C 212 -4.54 -12.99 -3.88
C PRO C 212 -5.23 -12.38 -2.67
N GLY C 213 -4.68 -11.27 -2.20
CA GLY C 213 -5.15 -10.63 -0.98
C GLY C 213 -4.26 -10.87 0.21
N PHE C 214 -3.27 -11.75 0.06
CA PHE C 214 -2.41 -12.16 1.17
C PHE C 214 -0.96 -12.19 0.70
N GLY C 215 -0.49 -11.04 0.20
CA GLY C 215 0.90 -10.95 -0.20
C GLY C 215 1.31 -9.52 -0.40
N ASN C 216 2.07 -9.24 -1.45
CA ASN C 216 2.65 -7.93 -1.64
C ASN C 216 2.13 -7.23 -2.90
N VAL C 217 1.24 -7.85 -3.66
CA VAL C 217 0.67 -7.15 -4.80
C VAL C 217 -0.21 -6.02 -4.28
N ALA C 218 -0.01 -4.81 -4.83
CA ALA C 218 -0.84 -3.65 -4.49
C ALA C 218 -2.15 -3.75 -5.28
N TRP C 219 -3.10 -4.50 -4.73
CA TRP C 219 -4.30 -4.80 -5.50
C TRP C 219 -5.14 -3.54 -5.76
N ASP C 220 -5.08 -2.53 -4.88
CA ASP C 220 -5.85 -1.32 -5.15
C ASP C 220 -5.29 -0.57 -6.36
N ALA C 221 -3.97 -0.52 -6.51
CA ALA C 221 -3.42 0.08 -7.72
C ALA C 221 -3.75 -0.74 -8.96
N VAL C 222 -3.73 -2.07 -8.84
CA VAL C 222 -4.07 -2.91 -10.00
C VAL C 222 -5.52 -2.69 -10.43
N PHE C 223 -6.46 -2.74 -9.47
CA PHE C 223 -7.87 -2.62 -9.84
C PHE C 223 -8.23 -1.20 -10.23
N ALA C 224 -7.61 -0.21 -9.60
CA ALA C 224 -7.79 1.17 -10.03
C ALA C 224 -7.42 1.35 -11.49
N ALA C 225 -6.25 0.85 -11.90
CA ALA C 225 -5.79 1.01 -13.28
C ALA C 225 -6.70 0.25 -14.22
N LEU C 226 -7.05 -1.00 -13.88
CA LEU C 226 -7.95 -1.77 -14.72
C LEU C 226 -9.28 -1.04 -14.91
N ALA C 227 -9.85 -0.50 -13.82
CA ALA C 227 -11.09 0.25 -13.94
C ALA C 227 -10.88 1.51 -14.77
N ALA C 228 -9.82 2.26 -14.47
CA ALA C 228 -9.64 3.54 -15.15
C ALA C 228 -9.38 3.37 -16.65
N ILE C 229 -8.71 2.30 -17.09
CA ILE C 229 -8.52 2.13 -18.53
C ILE C 229 -9.72 1.51 -19.21
N GLY C 230 -10.76 1.17 -18.46
CA GLY C 230 -11.95 0.53 -19.03
C GLY C 230 -11.76 -0.92 -19.40
N PHE C 231 -11.04 -1.68 -18.58
CA PHE C 231 -10.75 -3.07 -18.91
C PHE C 231 -12.03 -3.90 -19.04
N LYS C 232 -12.16 -4.63 -20.16
CA LYS C 232 -13.29 -5.50 -20.39
C LYS C 232 -12.86 -6.92 -20.76
N GLY C 233 -11.69 -7.34 -20.33
CA GLY C 233 -11.18 -8.66 -20.64
C GLY C 233 -11.43 -9.66 -19.54
N VAL C 234 -10.49 -10.60 -19.38
CA VAL C 234 -10.67 -11.72 -18.45
C VAL C 234 -9.70 -11.58 -17.29
N LEU C 235 -10.21 -11.81 -16.08
CA LEU C 235 -9.42 -11.80 -14.84
C LEU C 235 -9.29 -13.24 -14.36
N THR C 236 -8.15 -13.86 -14.62
CA THR C 236 -7.98 -15.27 -14.33
C THR C 236 -7.08 -15.46 -13.11
N LEU C 237 -7.61 -16.15 -12.10
CA LEU C 237 -6.78 -16.52 -10.96
C LEU C 237 -5.70 -17.51 -11.38
N GLU C 238 -4.46 -17.22 -11.00
CA GLU C 238 -3.33 -18.13 -11.18
C GLU C 238 -2.64 -18.28 -9.84
N SER C 239 -2.58 -19.51 -9.33
CA SER C 239 -1.89 -19.81 -8.09
C SER C 239 -1.29 -21.19 -8.20
N PHE C 240 -0.14 -21.38 -7.53
CA PHE C 240 0.55 -22.66 -7.53
C PHE C 240 0.16 -23.54 -6.34
N ALA C 241 -0.99 -23.28 -5.70
CA ALA C 241 -1.31 -23.97 -4.46
C ALA C 241 -1.61 -25.44 -4.65
N ALA C 242 -2.03 -25.84 -5.86
CA ALA C 242 -2.27 -27.25 -6.15
C ALA C 242 -1.11 -27.90 -6.89
N MET C 243 -0.01 -27.20 -7.07
CA MET C 243 1.12 -27.74 -7.81
C MET C 243 1.79 -28.86 -7.02
N PRO C 244 1.89 -30.06 -7.58
CA PRO C 244 2.60 -31.15 -6.88
C PRO C 244 4.10 -30.93 -6.88
N GLU C 245 4.75 -31.49 -5.85
CA GLU C 245 6.20 -31.32 -5.67
C GLU C 245 7.01 -31.74 -6.90
N GLU C 246 6.48 -32.61 -7.75
CA GLU C 246 7.21 -33.02 -8.95
C GLU C 246 7.30 -31.90 -9.97
N MET C 247 6.35 -30.97 -9.94
CA MET C 247 6.36 -29.83 -10.85
C MET C 247 7.42 -28.79 -10.48
N ALA C 248 8.16 -29.01 -9.39
CA ALA C 248 8.95 -27.93 -8.78
C ALA C 248 9.90 -27.30 -9.79
N GLY C 249 10.76 -28.12 -10.43
CA GLY C 249 11.76 -27.56 -11.33
C GLY C 249 11.18 -26.74 -12.46
N ALA C 250 9.99 -27.12 -12.96
CA ALA C 250 9.40 -26.43 -14.11
C ALA C 250 8.84 -25.07 -13.73
N ILE C 251 8.44 -24.86 -12.47
CA ILE C 251 7.88 -23.59 -12.01
C ILE C 251 8.80 -22.92 -10.99
N SER C 252 10.02 -23.42 -10.80
CA SER C 252 11.00 -22.83 -9.86
C SER C 252 10.40 -22.62 -8.49
N THR C 253 9.61 -23.58 -8.01
CA THR C 253 8.89 -23.43 -6.75
C THR C 253 9.30 -24.57 -5.83
N TRP C 254 9.93 -24.22 -4.72
CA TRP C 254 10.64 -25.20 -3.91
C TRP C 254 9.98 -25.48 -2.57
N ARG C 255 8.87 -24.82 -2.26
CA ARG C 255 8.18 -24.99 -0.99
C ARG C 255 6.73 -24.59 -1.20
N PRO C 256 5.84 -24.96 -0.27
CA PRO C 256 4.42 -24.64 -0.46
C PRO C 256 4.18 -23.13 -0.57
N VAL C 257 3.26 -22.75 -1.47
CA VAL C 257 2.94 -21.34 -1.64
C VAL C 257 1.73 -20.92 -0.81
N ALA C 258 0.99 -21.88 -0.26
CA ALA C 258 -0.23 -21.60 0.47
C ALA C 258 -0.61 -22.87 1.24
N SER C 259 -1.73 -22.81 1.94
CA SER C 259 -2.16 -23.92 2.77
C SER C 259 -2.74 -25.06 1.95
N GLY C 260 -3.43 -24.74 0.86
CA GLY C 260 -4.06 -25.75 0.02
C GLY C 260 -4.98 -25.11 -0.99
N ALA C 261 -5.24 -25.80 -2.11
CA ALA C 261 -5.91 -25.18 -3.24
C ALA C 261 -7.34 -24.77 -2.90
N ASP C 262 -8.01 -25.52 -2.03
CA ASP C 262 -9.40 -25.20 -1.71
C ASP C 262 -9.51 -23.83 -1.04
N GLU C 263 -8.61 -23.55 -0.10
CA GLU C 263 -8.62 -22.23 0.54
C GLU C 263 -8.25 -21.13 -0.45
N VAL C 264 -7.39 -21.42 -1.43
CA VAL C 264 -7.08 -20.43 -2.45
C VAL C 264 -8.27 -20.20 -3.37
N LEU C 265 -8.95 -21.28 -3.80
CA LEU C 265 -10.16 -21.12 -4.59
C LEU C 265 -11.20 -20.30 -3.84
N ASP C 266 -11.41 -20.62 -2.56
CA ASP C 266 -12.42 -19.92 -1.78
C ASP C 266 -12.06 -18.45 -1.60
N LYS C 267 -10.92 -18.19 -0.95
CA LYS C 267 -10.58 -16.82 -0.56
C LYS C 267 -10.12 -15.99 -1.75
N GLY C 268 -9.35 -16.59 -2.67
CA GLY C 268 -8.81 -15.84 -3.81
C GLY C 268 -9.83 -15.44 -4.86
N LEU C 269 -10.72 -16.37 -5.24
CA LEU C 269 -11.77 -16.00 -6.19
C LEU C 269 -12.71 -14.97 -5.59
N ALA C 270 -13.03 -15.11 -4.31
CA ALA C 270 -13.88 -14.13 -3.66
C ALA C 270 -13.20 -12.76 -3.63
N PHE C 271 -11.91 -12.74 -3.35
CA PHE C 271 -11.17 -11.48 -3.30
C PHE C 271 -11.22 -10.77 -4.64
N LEU C 272 -11.01 -11.53 -5.72
CA LEU C 272 -11.01 -10.95 -7.06
C LEU C 272 -12.40 -10.44 -7.42
N ARG C 273 -13.44 -11.19 -7.07
CA ARG C 273 -14.78 -10.71 -7.33
C ARG C 273 -15.12 -9.49 -6.47
N ASP C 274 -14.74 -9.50 -5.18
CA ASP C 274 -15.04 -8.39 -4.30
C ASP C 274 -14.29 -7.14 -4.71
N LYS C 275 -13.01 -7.28 -5.07
CA LYS C 275 -12.26 -6.11 -5.51
C LYS C 275 -12.77 -5.63 -6.86
N ALA C 276 -13.14 -6.54 -7.76
CA ALA C 276 -13.75 -6.13 -9.02
C ALA C 276 -15.01 -5.32 -8.77
N SER C 277 -15.82 -5.74 -7.80
CA SER C 277 -17.04 -5.00 -7.50
C SER C 277 -16.72 -3.64 -6.89
N GLN C 278 -15.73 -3.59 -5.98
CA GLN C 278 -15.38 -2.30 -5.35
C GLN C 278 -14.95 -1.29 -6.40
N TYR C 279 -14.31 -1.75 -7.48
CA TYR C 279 -13.79 -0.85 -8.51
C TYR C 279 -14.66 -0.84 -9.77
N ARG C 280 -15.85 -1.44 -9.71
CA ARG C 280 -16.84 -1.46 -10.81
C ARG C 280 -16.25 -1.91 -12.14
N ILE C 281 -15.34 -2.90 -12.08
CA ILE C 281 -14.92 -3.58 -13.30
C ILE C 281 -16.15 -4.23 -13.92
N PHE C 282 -16.27 -4.10 -15.24
CA PHE C 282 -17.42 -4.61 -15.98
C PHE C 282 -18.73 -3.91 -15.62
N GLY C 283 -18.67 -2.75 -14.97
CA GLY C 283 -19.91 -2.08 -14.61
C GLY C 283 -20.37 -1.01 -15.58
N ASN C 284 -19.98 -1.15 -16.85
CA ASN C 284 -20.28 -0.22 -17.97
C ASN C 284 -20.74 1.19 -17.57
N MET D 1 -5.15 25.26 -17.57
CA MET D 1 -4.63 25.04 -16.22
C MET D 1 -3.96 23.68 -16.10
N GLN D 2 -2.63 23.67 -16.04
CA GLN D 2 -1.88 22.42 -15.98
C GLN D 2 -0.57 22.68 -15.25
N GLY D 3 -0.13 21.70 -14.44
CA GLY D 3 1.20 21.76 -13.88
C GLY D 3 1.20 21.53 -12.38
N PHE D 4 2.27 22.00 -11.74
CA PHE D 4 2.48 21.82 -10.31
C PHE D 4 2.20 23.12 -9.56
N GLY D 5 1.46 23.02 -8.46
CA GLY D 5 1.10 24.18 -7.68
C GLY D 5 1.45 23.98 -6.22
N VAL D 6 1.48 25.08 -5.49
CA VAL D 6 1.69 25.05 -4.06
C VAL D 6 0.70 26.04 -3.44
N HIS D 7 0.07 25.65 -2.33
CA HIS D 7 -0.87 26.54 -1.66
C HIS D 7 -0.12 27.64 -0.89
N ALA D 8 -0.57 28.89 -1.06
CA ALA D 8 0.13 30.02 -0.45
C ALA D 8 0.22 29.89 1.07
N MET D 9 -0.67 29.10 1.68
CA MET D 9 -0.62 28.78 3.11
C MET D 9 0.73 28.19 3.54
N MET D 10 1.53 27.67 2.60
CA MET D 10 2.88 27.23 2.96
C MET D 10 3.73 28.37 3.49
N TRP D 11 3.33 29.63 3.24
CA TRP D 11 4.01 30.82 3.75
C TRP D 11 3.14 31.68 4.64
N SER D 12 1.85 31.81 4.30
CA SER D 12 0.89 32.63 5.03
C SER D 12 -0.46 32.48 4.33
N LEU D 13 -1.54 32.67 5.08
CA LEU D 13 -2.82 32.94 4.44
C LEU D 13 -3.20 34.41 4.50
N ASN D 14 -2.40 35.22 5.20
CA ASN D 14 -2.52 36.67 5.07
C ASN D 14 -1.98 37.12 3.71
N TRP D 15 -2.56 38.17 3.17
CA TRP D 15 -2.19 38.61 1.83
C TRP D 15 -1.93 40.12 1.81
N ASP D 16 -1.28 40.62 2.86
CA ASP D 16 -0.70 41.94 2.74
C ASP D 16 0.43 41.91 1.71
N HIS D 17 0.98 43.09 1.42
CA HIS D 17 1.92 43.20 0.31
C HIS D 17 3.17 42.36 0.56
N GLU D 18 3.60 42.28 1.82
CA GLU D 18 4.80 41.50 2.17
C GLU D 18 4.52 40.01 2.17
N SER D 19 3.33 39.61 2.65
CA SER D 19 2.97 38.20 2.62
C SER D 19 2.77 37.70 1.19
N ALA D 20 2.10 38.50 0.36
CA ALA D 20 1.97 38.14 -1.05
C ALA D 20 3.32 38.02 -1.71
N ARG D 21 4.22 38.98 -1.43
CA ARG D 21 5.57 38.92 -1.96
C ARG D 21 6.28 37.66 -1.49
N ARG D 22 6.26 37.39 -0.18
CA ARG D 22 6.94 36.22 0.36
C ARG D 22 6.40 34.92 -0.23
N ALA D 23 5.08 34.85 -0.46
CA ALA D 23 4.48 33.64 -0.97
C ALA D 23 4.79 33.43 -2.44
N ILE D 24 4.61 34.46 -3.26
CA ILE D 24 4.82 34.29 -4.69
C ILE D 24 6.29 34.08 -5.00
N ALA D 25 7.18 34.83 -4.33
CA ALA D 25 8.60 34.56 -4.49
C ALA D 25 8.94 33.14 -4.03
N GLY D 26 8.28 32.69 -2.96
CA GLY D 26 8.55 31.35 -2.46
C GLY D 26 8.17 30.26 -3.44
N ALA D 27 6.96 30.36 -4.01
CA ALA D 27 6.54 29.41 -5.04
C ALA D 27 7.48 29.44 -6.24
N ALA D 28 8.02 30.63 -6.56
CA ALA D 28 8.96 30.76 -7.65
C ALA D 28 10.26 29.99 -7.36
N ASP D 29 10.78 30.13 -6.14
CA ASP D 29 12.01 29.44 -5.76
C ASP D 29 11.87 27.93 -5.79
N TYR D 30 10.65 27.39 -5.69
CA TYR D 30 10.44 25.95 -5.79
C TYR D 30 9.91 25.54 -7.15
N GLY D 31 10.03 26.41 -8.15
CA GLY D 31 9.80 26.01 -9.53
C GLY D 31 8.38 25.66 -9.89
N GLN D 32 7.41 26.22 -9.16
CA GLN D 32 6.03 25.82 -9.36
C GLN D 32 5.43 26.52 -10.57
N ASP D 33 4.49 25.85 -11.22
CA ASP D 33 3.71 26.50 -12.25
C ASP D 33 2.60 27.38 -11.67
N PHE D 34 1.97 26.93 -10.59
CA PHE D 34 0.85 27.64 -9.98
C PHE D 34 1.11 27.93 -8.52
N ILE D 35 0.51 29.02 -8.04
CA ILE D 35 0.33 29.27 -6.62
C ILE D 35 -1.17 29.41 -6.41
N GLU D 36 -1.65 28.85 -5.30
CA GLU D 36 -3.07 28.96 -4.97
C GLU D 36 -3.23 30.02 -3.88
N ILE D 37 -3.99 31.06 -4.19
CA ILE D 37 -4.08 32.25 -3.36
C ILE D 37 -5.41 32.22 -2.63
N PRO D 38 -5.43 32.10 -1.30
CA PRO D 38 -6.70 32.11 -0.57
C PRO D 38 -7.30 33.50 -0.50
N LEU D 39 -8.61 33.59 -0.72
CA LEU D 39 -9.34 34.84 -0.60
C LEU D 39 -10.08 34.79 0.73
N VAL D 40 -9.60 35.53 1.72
CA VAL D 40 -10.30 35.57 3.00
C VAL D 40 -10.80 36.97 3.27
N ASP D 41 -9.88 37.92 3.41
CA ASP D 41 -10.27 39.32 3.58
C ASP D 41 -10.08 40.00 2.23
N LEU D 42 -11.19 40.23 1.53
CA LEU D 42 -11.11 40.82 0.19
C LEU D 42 -10.58 42.25 0.18
N PRO D 43 -11.05 43.17 1.03
CA PRO D 43 -10.53 44.56 0.96
C PRO D 43 -9.04 44.70 1.18
N SER D 44 -8.37 43.77 1.85
CA SER D 44 -6.94 43.90 2.03
C SER D 44 -6.14 43.26 0.90
N VAL D 45 -6.81 42.80 -0.17
CA VAL D 45 -6.15 42.20 -1.32
C VAL D 45 -5.94 43.30 -2.37
N ASP D 46 -4.71 43.78 -2.47
CA ASP D 46 -4.29 44.68 -3.54
C ASP D 46 -4.06 43.82 -4.78
N THR D 47 -5.03 43.85 -5.72
CA THR D 47 -4.93 42.98 -6.89
C THR D 47 -3.83 43.42 -7.84
N ALA D 48 -3.67 44.74 -8.05
CA ALA D 48 -2.63 45.23 -8.94
C ALA D 48 -1.26 44.77 -8.48
N HIS D 49 -0.99 44.90 -7.18
CA HIS D 49 0.25 44.42 -6.59
C HIS D 49 0.44 42.93 -6.84
N THR D 50 -0.60 42.13 -6.58
CA THR D 50 -0.49 40.69 -6.75
C THR D 50 -0.25 40.33 -8.20
N ARG D 51 -1.09 40.84 -9.11
CA ARG D 51 -0.91 40.56 -10.53
C ARG D 51 0.50 40.88 -10.97
N ALA D 52 1.02 42.04 -10.55
CA ALA D 52 2.38 42.43 -10.92
C ALA D 52 3.41 41.42 -10.42
N LEU D 53 3.26 40.96 -9.17
CA LEU D 53 4.17 39.97 -8.63
C LEU D 53 4.07 38.64 -9.38
N LEU D 54 2.86 38.21 -9.70
CA LEU D 54 2.67 36.99 -10.48
C LEU D 54 3.41 37.06 -11.81
N GLU D 55 3.19 38.15 -12.56
CA GLU D 55 3.81 38.28 -13.87
C GLU D 55 5.31 38.43 -13.74
N LYS D 56 5.79 39.14 -12.71
CA LYS D 56 7.22 39.31 -12.52
C LYS D 56 7.93 37.97 -12.32
N TYR D 57 7.34 37.09 -11.51
CA TYR D 57 7.92 35.79 -11.23
C TYR D 57 7.47 34.72 -12.22
N GLY D 58 6.66 35.08 -13.20
CA GLY D 58 6.17 34.09 -14.15
C GLY D 58 5.33 33.00 -13.51
N LEU D 59 4.51 33.37 -12.53
CA LEU D 59 3.67 32.43 -11.80
C LEU D 59 2.24 32.54 -12.29
N ARG D 60 1.60 31.39 -12.52
CA ARG D 60 0.16 31.37 -12.71
C ARG D 60 -0.52 31.14 -11.37
N ALA D 61 -1.81 31.45 -11.29
CA ALA D 61 -2.49 31.38 -10.02
C ALA D 61 -3.94 30.90 -10.19
N ALA D 62 -4.40 30.19 -9.18
CA ALA D 62 -5.82 29.95 -8.94
C ALA D 62 -6.14 30.52 -7.56
N CYS D 63 -7.33 31.05 -7.43
CA CYS D 63 -7.80 31.49 -6.12
C CYS D 63 -8.68 30.42 -5.51
N SER D 64 -8.77 30.47 -4.18
CA SER D 64 -9.62 29.52 -3.48
C SER D 64 -10.19 30.19 -2.25
N LEU D 65 -11.32 29.67 -1.78
CA LEU D 65 -11.92 30.19 -0.57
C LEU D 65 -12.76 29.11 0.08
N VAL D 66 -13.24 29.46 1.28
CA VAL D 66 -14.35 28.79 1.95
C VAL D 66 -15.40 29.86 2.19
N LEU D 67 -16.66 29.56 1.89
CA LEU D 67 -17.71 30.54 2.10
C LEU D 67 -17.83 30.89 3.57
N PRO D 68 -17.87 32.17 3.95
CA PRO D 68 -18.20 32.51 5.33
C PRO D 68 -19.62 32.11 5.63
N GLU D 69 -19.88 31.80 6.90
CA GLU D 69 -21.19 31.25 7.27
C GLU D 69 -22.36 32.16 6.88
N PRO D 70 -22.31 33.48 7.00
CA PRO D 70 -23.45 34.29 6.54
C PRO D 70 -23.78 34.08 5.07
N ALA D 71 -22.88 33.48 4.30
CA ALA D 71 -23.06 33.29 2.87
C ALA D 71 -23.03 31.82 2.44
N TRP D 72 -23.28 30.86 3.35
CA TRP D 72 -23.37 29.46 2.94
C TRP D 72 -24.48 29.26 1.92
N ALA D 73 -24.12 28.69 0.77
CA ALA D 73 -25.04 28.61 -0.35
C ALA D 73 -26.26 27.75 -0.05
N SER D 74 -26.10 26.76 0.86
CA SER D 74 -27.17 25.80 1.08
C SER D 74 -28.38 26.43 1.72
N VAL D 75 -28.19 27.54 2.44
CA VAL D 75 -29.24 28.15 3.25
C VAL D 75 -29.41 29.61 2.84
N ARG D 76 -28.35 30.24 2.34
CA ARG D 76 -28.37 31.65 1.97
C ARG D 76 -27.80 31.84 0.56
N PRO D 77 -28.51 31.34 -0.45
CA PRO D 77 -27.94 31.33 -1.81
C PRO D 77 -27.72 32.71 -2.42
N GLU D 78 -28.60 33.68 -2.13
CA GLU D 78 -28.37 35.03 -2.66
C GLU D 78 -27.08 35.61 -2.11
N ALA D 79 -26.83 35.42 -0.80
CA ALA D 79 -25.59 35.90 -0.21
C ALA D 79 -24.39 35.13 -0.75
N ALA D 80 -24.57 33.85 -1.11
CA ALA D 80 -23.46 33.10 -1.68
C ALA D 80 -23.06 33.67 -3.03
N VAL D 81 -24.05 33.97 -3.88
CA VAL D 81 -23.76 34.56 -5.19
C VAL D 81 -23.00 35.87 -5.02
N ALA D 82 -23.52 36.75 -4.16
CA ALA D 82 -22.83 38.02 -3.91
C ALA D 82 -21.38 37.79 -3.50
N HIS D 83 -21.15 36.86 -2.56
CA HIS D 83 -19.78 36.66 -2.10
C HIS D 83 -18.91 36.05 -3.19
N LEU D 84 -19.43 35.05 -3.91
CA LEU D 84 -18.63 34.37 -4.93
C LEU D 84 -18.28 35.31 -6.07
N ASN D 85 -19.24 36.14 -6.51
CA ASN D 85 -18.97 37.07 -7.60
C ASN D 85 -17.92 38.09 -7.20
N ALA D 86 -18.00 38.62 -5.97
CA ALA D 86 -16.95 39.52 -5.48
C ALA D 86 -15.59 38.83 -5.45
N ALA D 87 -15.55 37.59 -4.95
CA ALA D 87 -14.28 36.85 -4.99
C ALA D 87 -13.83 36.60 -6.42
N LEU D 88 -14.78 36.38 -7.34
CA LEU D 88 -14.40 36.19 -8.74
C LEU D 88 -13.81 37.47 -9.34
N ASP D 89 -14.43 38.62 -9.06
CA ASP D 89 -13.88 39.89 -9.52
C ASP D 89 -12.43 40.07 -9.08
N LYS D 90 -12.16 39.84 -7.79
CA LYS D 90 -10.79 39.96 -7.29
C LYS D 90 -9.86 38.95 -7.96
N ALA D 91 -10.34 37.72 -8.16
CA ALA D 91 -9.47 36.69 -8.77
C ALA D 91 -9.04 37.11 -10.17
N ALA D 92 -9.99 37.59 -10.99
CA ALA D 92 -9.68 37.99 -12.35
C ALA D 92 -8.73 39.19 -12.40
N GLU D 93 -8.95 40.18 -11.53
CA GLU D 93 -8.05 41.32 -11.45
C GLU D 93 -6.62 40.87 -11.14
N MET D 94 -6.48 39.88 -10.25
CA MET D 94 -5.15 39.38 -9.89
C MET D 94 -4.47 38.66 -11.04
N GLY D 95 -5.22 38.25 -12.06
CA GLY D 95 -4.69 37.39 -13.09
C GLY D 95 -4.86 35.91 -12.83
N ALA D 96 -5.52 35.53 -11.72
CA ALA D 96 -5.80 34.12 -11.46
C ALA D 96 -6.72 33.57 -12.53
N GLU D 97 -6.66 32.24 -12.72
CA GLU D 97 -7.40 31.60 -13.80
C GLU D 97 -8.65 30.86 -13.33
N ALA D 98 -8.93 30.84 -12.03
CA ALA D 98 -10.01 30.02 -11.51
C ALA D 98 -10.25 30.42 -10.07
N LEU D 99 -11.45 30.12 -9.60
CA LEU D 99 -11.79 30.19 -8.19
C LEU D 99 -12.23 28.79 -7.80
N THR D 100 -11.58 28.22 -6.79
CA THR D 100 -11.89 26.86 -6.39
C THR D 100 -11.98 26.83 -4.87
N GLY D 101 -12.03 25.63 -4.30
CA GLY D 101 -12.18 25.44 -2.88
C GLY D 101 -13.59 25.05 -2.48
N VAL D 102 -13.93 25.38 -1.23
CA VAL D 102 -15.25 25.08 -0.71
C VAL D 102 -16.14 26.26 -1.06
N THR D 103 -16.50 26.34 -2.34
CA THR D 103 -17.22 27.43 -2.98
C THR D 103 -18.72 27.33 -2.79
N TYR D 104 -19.19 26.33 -2.06
CA TYR D 104 -20.60 26.01 -1.91
C TYR D 104 -21.03 25.97 -0.46
N GLY D 105 -20.13 26.23 0.49
CA GLY D 105 -20.43 26.01 1.89
C GLY D 105 -19.21 26.29 2.75
N GLY D 106 -19.29 25.81 4.00
CA GLY D 106 -18.25 26.02 4.98
C GLY D 106 -17.44 24.77 5.25
N THR D 107 -16.41 24.92 6.09
CA THR D 107 -15.66 23.78 6.58
C THR D 107 -15.99 23.46 8.03
N SER D 108 -16.97 24.15 8.59
CA SER D 108 -17.57 23.81 9.88
C SER D 108 -19.07 23.70 9.72
N GLU D 109 -19.51 23.38 8.51
CA GLU D 109 -20.93 23.48 8.15
C GLU D 109 -21.62 22.14 8.37
N ARG D 110 -22.77 22.20 9.01
CA ARG D 110 -23.33 20.99 9.56
C ARG D 110 -24.78 21.26 9.93
N THR D 111 -25.68 20.42 9.47
CA THR D 111 -27.08 20.56 9.78
C THR D 111 -27.55 19.58 10.84
N GLY D 112 -26.79 18.51 11.11
CA GLY D 112 -27.25 17.41 11.94
C GLY D 112 -27.92 16.29 11.17
N PHE D 113 -28.21 16.48 9.89
CA PHE D 113 -28.95 15.54 9.07
C PHE D 113 -28.24 15.38 7.73
N PRO D 114 -28.50 14.27 7.03
CA PRO D 114 -27.95 14.10 5.68
C PRO D 114 -28.44 15.23 4.79
N PRO D 115 -27.76 15.51 3.69
CA PRO D 115 -28.13 16.67 2.87
C PRO D 115 -29.45 16.44 2.14
N THR D 116 -30.22 17.52 1.99
CA THR D 116 -31.58 17.46 1.44
C THR D 116 -31.59 17.97 0.00
N GLN D 117 -32.69 17.67 -0.68
CA GLN D 117 -32.81 18.15 -2.05
C GLN D 117 -32.91 19.66 -2.08
N ALA D 118 -33.63 20.25 -1.12
CA ALA D 118 -33.74 21.70 -1.06
C ALA D 118 -32.37 22.34 -0.93
N GLU D 119 -31.51 21.78 -0.07
CA GLU D 119 -30.15 22.29 0.04
C GLU D 119 -29.40 22.24 -1.29
N TYR D 120 -29.51 21.11 -2.02
CA TYR D 120 -28.84 21.01 -3.32
C TYR D 120 -29.46 21.92 -4.36
N ASP D 121 -30.77 22.20 -4.25
CA ASP D 121 -31.40 23.18 -5.11
C ASP D 121 -30.79 24.56 -4.89
N ASN D 122 -30.55 24.91 -3.61
CA ASN D 122 -29.93 26.19 -3.32
C ASN D 122 -28.51 26.23 -3.86
N LEU D 123 -27.76 25.13 -3.70
CA LEU D 123 -26.42 25.05 -4.27
C LEU D 123 -26.43 25.20 -5.78
N THR D 124 -27.35 24.50 -6.45
CA THR D 124 -27.41 24.55 -7.90
C THR D 124 -27.68 25.97 -8.38
N ARG D 125 -28.65 26.63 -7.77
CA ARG D 125 -29.01 27.99 -8.16
C ARG D 125 -27.84 28.95 -7.98
N ALA D 126 -27.22 28.90 -6.80
CA ALA D 126 -26.15 29.84 -6.47
C ALA D 126 -24.93 29.62 -7.36
N LEU D 127 -24.47 28.37 -7.46
CA LEU D 127 -23.25 28.08 -8.22
C LEU D 127 -23.46 28.27 -9.72
N SER D 128 -24.66 27.99 -10.23
CA SER D 128 -24.87 28.22 -11.66
C SER D 128 -24.81 29.71 -11.98
N GLN D 129 -25.29 30.56 -11.07
CA GLN D 129 -25.18 31.99 -11.30
C GLN D 129 -23.73 32.43 -11.24
N SER D 130 -23.03 32.10 -10.15
CA SER D 130 -21.65 32.57 -9.99
C SER D 130 -20.70 31.93 -11.01
N ALA D 131 -20.93 30.68 -11.40
CA ALA D 131 -20.12 30.16 -12.50
C ALA D 131 -20.40 30.92 -13.78
N GLY D 132 -21.63 31.38 -13.98
CA GLY D 132 -21.92 32.18 -15.15
C GLY D 132 -21.21 33.51 -15.12
N HIS D 133 -21.07 34.08 -13.91
CA HIS D 133 -20.26 35.28 -13.74
C HIS D 133 -18.79 34.97 -14.01
N ALA D 134 -18.30 33.85 -13.49
CA ALA D 134 -16.92 33.45 -13.75
C ALA D 134 -16.64 33.37 -15.25
N LYS D 135 -17.59 32.83 -16.01
CA LYS D 135 -17.38 32.71 -17.45
C LYS D 135 -17.21 34.08 -18.10
N THR D 136 -17.98 35.08 -17.67
CA THR D 136 -17.82 36.40 -18.25
C THR D 136 -16.46 37.00 -17.92
N LEU D 137 -15.79 36.55 -16.85
CA LEU D 137 -14.43 36.97 -16.60
C LEU D 137 -13.39 36.07 -17.25
N GLY D 138 -13.81 35.00 -17.91
CA GLY D 138 -12.87 34.03 -18.44
C GLY D 138 -12.25 33.12 -17.41
N LEU D 139 -12.89 32.93 -16.26
CA LEU D 139 -12.37 32.05 -15.22
C LEU D 139 -13.14 30.73 -15.19
N GLN D 140 -12.45 29.69 -14.74
CA GLN D 140 -13.15 28.46 -14.39
C GLN D 140 -13.53 28.49 -12.91
N PHE D 141 -14.44 27.59 -12.55
CA PHE D 141 -15.03 27.59 -11.21
C PHE D 141 -14.95 26.17 -10.66
N GLY D 142 -14.30 26.00 -9.52
CA GLY D 142 -14.01 24.67 -8.97
C GLY D 142 -14.85 24.37 -7.74
N ILE D 143 -15.13 23.09 -7.53
CA ILE D 143 -15.87 22.61 -6.36
C ILE D 143 -14.99 21.56 -5.68
N GLU D 144 -14.48 21.88 -4.48
CA GLU D 144 -13.62 20.94 -3.76
C GLU D 144 -14.46 20.07 -2.83
N ALA D 145 -14.36 18.75 -2.97
CA ALA D 145 -15.02 17.85 -2.04
C ALA D 145 -14.19 17.75 -0.75
N VAL D 146 -14.85 17.84 0.40
CA VAL D 146 -14.18 17.79 1.70
C VAL D 146 -14.87 16.73 2.56
N ASN D 147 -14.25 16.40 3.70
CA ASN D 147 -14.71 15.22 4.43
C ASN D 147 -15.96 15.53 5.26
N ARG D 148 -16.61 14.46 5.73
CA ARG D 148 -17.89 14.52 6.42
C ARG D 148 -17.88 15.41 7.66
N TYR D 149 -16.72 15.69 8.24
CA TYR D 149 -16.68 16.52 9.45
C TYR D 149 -16.65 18.00 9.14
N GLU D 150 -16.32 18.39 7.91
CA GLU D 150 -16.26 19.80 7.54
C GLU D 150 -17.52 20.28 6.86
N ASN D 151 -18.22 19.37 6.20
CA ASN D 151 -19.34 19.73 5.36
C ASN D 151 -20.16 18.47 5.14
N HIS D 152 -21.48 18.64 4.98
CA HIS D 152 -22.36 17.50 4.80
C HIS D 152 -22.89 17.39 3.38
N LEU D 153 -22.46 18.27 2.48
CA LEU D 153 -23.05 18.41 1.16
C LEU D 153 -22.22 17.78 0.05
N VAL D 154 -20.91 18.02 0.03
CA VAL D 154 -20.06 17.51 -1.05
C VAL D 154 -18.87 16.83 -0.38
N ASN D 155 -18.96 15.50 -0.24
CA ASN D 155 -17.90 14.74 0.42
C ASN D 155 -17.16 13.81 -0.53
N SER D 156 -17.88 13.09 -1.37
CA SER D 156 -17.30 12.15 -2.30
C SER D 156 -17.24 12.75 -3.70
N ALA D 157 -16.31 12.26 -4.51
CA ALA D 157 -16.23 12.67 -5.91
C ALA D 157 -17.59 12.52 -6.61
N GLU D 158 -18.29 11.42 -6.31
CA GLU D 158 -19.60 11.14 -6.87
C GLU D 158 -20.57 12.28 -6.64
N GLN D 159 -20.62 12.77 -5.40
CA GLN D 159 -21.49 13.89 -5.08
C GLN D 159 -21.09 15.11 -5.87
N ALA D 160 -19.78 15.39 -5.95
CA ALA D 160 -19.32 16.56 -6.69
C ALA D 160 -19.72 16.46 -8.15
N VAL D 161 -19.50 15.29 -8.76
CA VAL D 161 -19.86 15.09 -10.18
C VAL D 161 -21.36 15.29 -10.39
N ALA D 162 -22.20 14.79 -9.47
CA ALA D 162 -23.64 14.94 -9.63
C ALA D 162 -24.06 16.41 -9.58
N LEU D 163 -23.41 17.19 -8.72
CA LEU D 163 -23.72 18.62 -8.63
C LEU D 163 -23.20 19.37 -9.86
N VAL D 164 -22.00 19.03 -10.33
CA VAL D 164 -21.49 19.67 -11.53
C VAL D 164 -22.43 19.41 -12.70
N GLU D 165 -22.88 18.16 -12.86
CA GLU D 165 -23.74 17.84 -13.99
C GLU D 165 -25.11 18.47 -13.85
N ARG D 166 -25.61 18.64 -12.62
CA ARG D 166 -26.91 19.30 -12.43
C ARG D 166 -26.85 20.77 -12.84
N ILE D 167 -25.75 21.45 -12.51
CA ILE D 167 -25.62 22.85 -12.88
C ILE D 167 -25.55 23.01 -14.39
N GLY D 168 -24.76 22.17 -15.06
CA GLY D 168 -24.70 22.19 -16.51
C GLY D 168 -23.78 23.23 -17.13
N ALA D 169 -22.95 23.90 -16.33
CA ALA D 169 -22.00 24.86 -16.86
C ALA D 169 -20.78 24.16 -17.43
N ASP D 170 -20.22 24.73 -18.49
CA ASP D 170 -19.04 24.15 -19.12
C ASP D 170 -17.73 24.64 -18.53
N ASN D 171 -17.76 25.50 -17.51
CA ASN D 171 -16.56 26.03 -16.87
C ASN D 171 -16.46 25.63 -15.40
N ILE D 172 -17.23 24.64 -14.95
CA ILE D 172 -17.14 24.12 -13.59
C ILE D 172 -16.38 22.80 -13.60
N PHE D 173 -15.37 22.68 -12.73
CA PHE D 173 -14.59 21.45 -12.62
C PHE D 173 -14.65 20.89 -11.20
N VAL D 174 -14.38 19.62 -11.09
CA VAL D 174 -14.29 18.97 -9.79
C VAL D 174 -12.86 19.09 -9.29
N HIS D 175 -12.73 19.35 -7.99
CA HIS D 175 -11.45 19.55 -7.32
C HIS D 175 -11.41 18.57 -6.16
N LEU D 176 -10.42 17.67 -6.16
CA LEU D 176 -10.31 16.68 -5.10
C LEU D 176 -9.08 16.92 -4.24
N ASP D 177 -9.14 16.37 -3.04
CA ASP D 177 -8.15 16.57 -1.99
C ASP D 177 -7.88 15.20 -1.38
N THR D 178 -6.64 14.71 -1.54
CA THR D 178 -6.28 13.37 -1.06
C THR D 178 -6.45 13.25 0.45
N PHE D 179 -6.26 14.35 1.20
CA PHE D 179 -6.53 14.28 2.63
C PHE D 179 -7.98 13.93 2.88
N HIS D 180 -8.90 14.52 2.10
CA HIS D 180 -10.32 14.24 2.35
C HIS D 180 -10.74 12.92 1.74
N MET D 181 -10.19 12.59 0.58
CA MET D 181 -10.48 11.32 -0.08
C MET D 181 -10.03 10.13 0.76
N ASN D 182 -8.91 10.29 1.48
CA ASN D 182 -8.40 9.20 2.30
C ASN D 182 -9.47 8.71 3.28
N MET D 183 -10.42 9.58 3.63
CA MET D 183 -11.58 9.21 4.44
C MET D 183 -12.81 8.90 3.57
N GLU D 184 -13.09 9.75 2.58
CA GLU D 184 -14.38 9.70 1.90
C GLU D 184 -14.48 8.66 0.79
N GLU D 185 -13.38 8.29 0.13
CA GLU D 185 -13.47 7.40 -1.01
C GLU D 185 -13.21 5.96 -0.59
N LYS D 186 -14.02 5.05 -1.13
CA LYS D 186 -13.90 3.62 -0.87
C LYS D 186 -12.81 3.08 -1.80
N GLY D 187 -11.57 3.29 -1.37
CA GLY D 187 -10.44 3.17 -2.29
C GLY D 187 -10.24 4.53 -2.91
N ILE D 188 -9.13 5.18 -2.53
CA ILE D 188 -8.92 6.58 -2.88
C ILE D 188 -9.00 6.79 -4.40
N ALA D 189 -8.48 5.82 -5.18
CA ALA D 189 -8.49 5.97 -6.63
C ALA D 189 -9.89 5.99 -7.21
N ASN D 190 -10.87 5.43 -6.50
CA ASN D 190 -12.25 5.46 -6.98
C ASN D 190 -12.81 6.87 -7.10
N GLY D 191 -12.33 7.79 -6.28
CA GLY D 191 -12.81 9.17 -6.37
C GLY D 191 -12.28 9.83 -7.64
N ILE D 192 -11.00 9.60 -7.93
CA ILE D 192 -10.42 10.15 -9.16
C ILE D 192 -11.13 9.56 -10.37
N ILE D 193 -11.40 8.26 -10.35
CA ILE D 193 -12.03 7.63 -11.49
C ILE D 193 -13.44 8.17 -11.71
N ALA D 194 -14.23 8.29 -10.63
CA ALA D 194 -15.57 8.85 -10.76
C ALA D 194 -15.55 10.27 -11.30
N ALA D 195 -14.54 11.06 -10.93
CA ALA D 195 -14.52 12.45 -11.39
C ALA D 195 -13.93 12.63 -12.79
N HIS D 196 -13.55 11.55 -13.48
CA HIS D 196 -12.60 11.64 -14.59
C HIS D 196 -12.89 12.79 -15.57
N ASP D 197 -14.14 12.91 -16.02
CA ASP D 197 -14.49 13.98 -16.97
C ASP D 197 -14.14 15.37 -16.43
N TYR D 198 -14.49 15.63 -15.19
CA TYR D 198 -14.51 16.97 -14.62
C TYR D 198 -13.31 17.30 -13.75
N LEU D 199 -12.38 16.37 -13.57
CA LEU D 199 -11.30 16.53 -12.60
C LEU D 199 -10.20 17.39 -13.21
N LYS D 200 -10.07 18.62 -12.73
CA LYS D 200 -9.06 19.52 -13.25
C LYS D 200 -8.10 20.02 -12.17
N TYR D 201 -8.27 19.62 -10.92
CA TYR D 201 -7.49 20.24 -9.85
C TYR D 201 -7.41 19.29 -8.66
N MET D 202 -6.21 19.12 -8.12
CA MET D 202 -5.99 18.24 -6.97
C MET D 202 -5.32 19.01 -5.86
N HIS D 203 -5.77 18.79 -4.63
CA HIS D 203 -4.93 19.08 -3.48
C HIS D 203 -4.21 17.79 -3.14
N MET D 204 -2.89 17.79 -3.36
CA MET D 204 -2.04 16.67 -2.99
C MET D 204 -1.57 16.92 -1.57
N SER D 205 -2.12 16.15 -0.64
CA SER D 205 -2.06 16.46 0.77
C SER D 205 -1.96 15.15 1.53
N GLU D 206 -1.02 15.07 2.45
CA GLU D 206 -0.83 13.84 3.21
C GLU D 206 -1.98 13.63 4.19
N SER D 207 -2.12 12.37 4.65
CA SER D 207 -3.24 11.96 5.49
C SER D 207 -3.33 12.77 6.79
N ASP D 208 -2.22 13.33 7.25
CA ASP D 208 -2.21 14.12 8.48
C ASP D 208 -1.95 15.60 8.22
N ARG D 209 -2.09 16.03 6.95
CA ARG D 209 -1.77 17.39 6.52
C ARG D 209 -0.28 17.70 6.66
N GLY D 210 0.57 16.68 6.76
CA GLY D 210 2.00 16.90 6.90
C GLY D 210 2.73 16.96 5.57
N THR D 211 3.58 15.96 5.30
CA THR D 211 4.44 15.93 4.12
C THR D 211 3.99 14.80 3.21
N PRO D 212 3.58 15.08 1.98
CA PRO D 212 3.25 13.99 1.04
C PRO D 212 4.40 13.01 0.88
N GLY D 213 4.05 11.71 0.97
CA GLY D 213 5.02 10.63 0.95
C GLY D 213 5.32 10.05 2.31
N PHE D 214 4.78 10.65 3.39
CA PHE D 214 5.11 10.29 4.74
C PHE D 214 3.84 10.24 5.59
N GLY D 215 2.88 9.43 5.16
CA GLY D 215 1.63 9.29 5.89
C GLY D 215 0.88 8.08 5.39
N ASN D 216 -0.44 8.18 5.25
CA ASN D 216 -1.27 7.04 4.92
C ASN D 216 -1.93 7.11 3.55
N VAL D 217 -1.75 8.22 2.80
CA VAL D 217 -2.34 8.29 1.47
C VAL D 217 -1.62 7.33 0.52
N ALA D 218 -2.40 6.55 -0.21
CA ALA D 218 -1.87 5.52 -1.12
C ALA D 218 -1.49 6.18 -2.44
N TRP D 219 -0.30 6.79 -2.44
CA TRP D 219 0.07 7.67 -3.55
C TRP D 219 0.17 6.92 -4.87
N ASP D 220 0.55 5.63 -4.85
CA ASP D 220 0.59 4.87 -6.09
C ASP D 220 -0.79 4.69 -6.68
N ALA D 221 -1.81 4.47 -5.84
CA ALA D 221 -3.18 4.38 -6.34
C ALA D 221 -3.68 5.73 -6.85
N VAL D 222 -3.26 6.82 -6.20
CA VAL D 222 -3.65 8.16 -6.62
C VAL D 222 -3.05 8.47 -7.99
N PHE D 223 -1.73 8.34 -8.11
CA PHE D 223 -1.07 8.66 -9.38
C PHE D 223 -1.45 7.71 -10.49
N ALA D 224 -1.67 6.43 -10.16
CA ALA D 224 -2.16 5.49 -11.18
C ALA D 224 -3.50 5.98 -11.72
N ALA D 225 -4.44 6.31 -10.84
CA ALA D 225 -5.73 6.77 -11.31
C ALA D 225 -5.58 8.03 -12.15
N LEU D 226 -4.74 8.97 -11.69
CA LEU D 226 -4.56 10.22 -12.43
C LEU D 226 -3.97 9.97 -13.81
N ALA D 227 -2.96 9.10 -13.89
CA ALA D 227 -2.37 8.76 -15.19
C ALA D 227 -3.40 8.06 -16.07
N ALA D 228 -4.09 7.06 -15.53
CA ALA D 228 -4.95 6.23 -16.35
C ALA D 228 -6.16 7.01 -16.90
N ILE D 229 -6.66 8.03 -16.19
CA ILE D 229 -7.74 8.85 -16.77
C ILE D 229 -7.21 9.99 -17.60
N GLY D 230 -5.90 10.13 -17.75
CA GLY D 230 -5.35 11.22 -18.55
C GLY D 230 -5.50 12.60 -17.94
N PHE D 231 -5.34 12.71 -16.63
CA PHE D 231 -5.48 13.98 -15.93
C PHE D 231 -4.54 15.02 -16.52
N LYS D 232 -5.08 16.22 -16.77
CA LYS D 232 -4.31 17.31 -17.38
C LYS D 232 -4.38 18.60 -16.57
N GLY D 233 -4.71 18.55 -15.30
CA GLY D 233 -4.92 19.73 -14.49
C GLY D 233 -3.74 20.10 -13.61
N VAL D 234 -4.04 20.66 -12.44
CA VAL D 234 -3.04 21.20 -11.53
C VAL D 234 -2.89 20.28 -10.33
N LEU D 235 -1.64 19.97 -9.96
CA LEU D 235 -1.34 19.20 -8.75
C LEU D 235 -0.79 20.17 -7.70
N THR D 236 -1.65 20.58 -6.77
CA THR D 236 -1.30 21.61 -5.80
C THR D 236 -1.07 20.99 -4.44
N LEU D 237 0.14 21.17 -3.93
CA LEU D 237 0.47 20.76 -2.57
C LEU D 237 -0.31 21.56 -1.54
N GLU D 238 -0.87 20.87 -0.54
CA GLU D 238 -1.52 21.52 0.59
C GLU D 238 -1.03 20.86 1.88
N SER D 239 -0.56 21.68 2.81
CA SER D 239 -0.02 21.19 4.07
C SER D 239 -0.20 22.29 5.12
N PHE D 240 -0.39 21.89 6.37
CA PHE D 240 -0.58 22.83 7.46
C PHE D 240 0.73 23.11 8.21
N ALA D 241 1.88 22.78 7.60
CA ALA D 241 3.15 22.89 8.30
C ALA D 241 3.45 24.32 8.74
N ALA D 242 3.06 25.32 7.93
CA ALA D 242 3.39 26.70 8.24
C ALA D 242 2.30 27.41 9.04
N MET D 243 1.22 26.72 9.39
CA MET D 243 0.07 27.37 10.01
C MET D 243 0.40 27.87 11.41
N PRO D 244 0.09 29.12 11.72
CA PRO D 244 0.32 29.62 13.09
C PRO D 244 -0.65 29.01 14.08
N GLU D 245 -0.21 28.93 15.35
CA GLU D 245 -1.00 28.29 16.39
C GLU D 245 -2.37 28.94 16.55
N GLU D 246 -2.50 30.23 16.23
CA GLU D 246 -3.77 30.92 16.33
C GLU D 246 -4.78 30.44 15.28
N MET D 247 -4.33 29.75 14.24
CA MET D 247 -5.24 29.24 13.22
C MET D 247 -5.92 27.95 13.63
N ALA D 248 -5.53 27.37 14.77
CA ALA D 248 -5.94 26.03 15.17
C ALA D 248 -7.45 25.80 15.03
N GLY D 249 -8.26 26.71 15.58
CA GLY D 249 -9.71 26.49 15.58
C GLY D 249 -10.31 26.46 14.19
N ALA D 250 -9.78 27.27 13.27
CA ALA D 250 -10.36 27.37 11.94
C ALA D 250 -10.09 26.13 11.10
N ILE D 251 -9.00 25.40 11.38
CA ILE D 251 -8.62 24.22 10.62
C ILE D 251 -8.66 22.95 11.46
N SER D 252 -9.23 23.03 12.67
CA SER D 252 -9.36 21.88 13.58
C SER D 252 -8.04 21.11 13.68
N THR D 253 -6.94 21.85 13.83
CA THR D 253 -5.60 21.28 13.96
C THR D 253 -5.07 21.69 15.33
N TRP D 254 -4.74 20.70 16.16
CA TRP D 254 -4.42 20.93 17.57
C TRP D 254 -2.96 20.69 17.93
N ARG D 255 -2.14 20.24 16.99
CA ARG D 255 -0.74 19.95 17.24
C ARG D 255 0.02 20.08 15.92
N PRO D 256 1.36 20.20 15.96
CA PRO D 256 2.12 20.33 14.71
C PRO D 256 1.90 19.14 13.79
N VAL D 257 1.78 19.42 12.49
CA VAL D 257 1.60 18.35 11.51
C VAL D 257 2.94 17.89 10.92
N ALA D 258 4.02 18.62 11.19
CA ALA D 258 5.33 18.37 10.61
C ALA D 258 6.34 19.16 11.43
N SER D 259 7.60 19.10 11.03
CA SER D 259 8.65 19.79 11.78
C SER D 259 8.88 21.22 11.30
N GLY D 260 8.49 21.53 10.07
CA GLY D 260 8.70 22.85 9.51
C GLY D 260 8.28 22.92 8.07
N ALA D 261 7.82 24.08 7.62
CA ALA D 261 7.35 24.24 6.24
C ALA D 261 8.48 24.04 5.23
N ASP D 262 9.71 24.39 5.59
CA ASP D 262 10.82 24.25 4.66
C ASP D 262 11.07 22.79 4.31
N GLU D 263 10.99 21.90 5.30
CA GLU D 263 11.13 20.47 5.04
C GLU D 263 9.96 19.95 4.21
N VAL D 264 8.75 20.43 4.50
CA VAL D 264 7.57 19.98 3.74
C VAL D 264 7.68 20.43 2.29
N LEU D 265 8.03 21.71 2.07
CA LEU D 265 8.24 22.18 0.70
C LEU D 265 9.32 21.38 -0.02
N ASP D 266 10.45 21.14 0.66
CA ASP D 266 11.57 20.46 0.00
C ASP D 266 11.22 18.99 -0.28
N LYS D 267 10.80 18.26 0.75
CA LYS D 267 10.52 16.84 0.57
C LYS D 267 9.21 16.61 -0.17
N GLY D 268 8.17 17.40 0.13
CA GLY D 268 6.86 17.12 -0.43
C GLY D 268 6.74 17.46 -1.89
N LEU D 269 7.22 18.63 -2.29
CA LEU D 269 7.18 18.99 -3.71
C LEU D 269 8.04 18.03 -4.53
N ALA D 270 9.17 17.61 -3.98
CA ALA D 270 10.04 16.66 -4.69
C ALA D 270 9.36 15.31 -4.85
N PHE D 271 8.70 14.83 -3.80
CA PHE D 271 7.91 13.62 -3.89
C PHE D 271 6.84 13.73 -4.99
N LEU D 272 6.14 14.86 -5.07
CA LEU D 272 5.06 14.98 -6.04
C LEU D 272 5.60 14.97 -7.46
N ARG D 273 6.68 15.70 -7.71
CA ARG D 273 7.27 15.74 -9.04
C ARG D 273 7.90 14.39 -9.42
N ASP D 274 8.48 13.70 -8.44
CA ASP D 274 9.08 12.39 -8.74
C ASP D 274 8.00 11.36 -9.04
N LYS D 275 6.90 11.37 -8.30
CA LYS D 275 5.81 10.45 -8.62
C LYS D 275 5.16 10.83 -9.93
N ALA D 276 4.96 12.14 -10.16
CA ALA D 276 4.41 12.60 -11.43
C ALA D 276 5.24 12.08 -12.59
N SER D 277 6.56 12.16 -12.46
CA SER D 277 7.41 11.67 -13.52
C SER D 277 7.40 10.14 -13.59
N GLN D 278 7.28 9.45 -12.45
CA GLN D 278 7.19 7.98 -12.47
C GLN D 278 5.94 7.52 -13.22
N TYR D 279 4.84 8.23 -13.05
CA TYR D 279 3.59 7.84 -13.70
C TYR D 279 3.32 8.64 -14.96
N ARG D 280 4.30 9.41 -15.44
CA ARG D 280 4.22 10.15 -16.71
C ARG D 280 2.97 11.03 -16.79
N ILE D 281 2.68 11.72 -15.69
CA ILE D 281 1.45 12.50 -15.58
C ILE D 281 1.37 13.56 -16.67
N PHE D 282 2.46 14.27 -16.94
CA PHE D 282 2.38 15.35 -17.91
C PHE D 282 3.22 15.02 -19.15
N GLY D 283 2.54 14.71 -20.25
CA GLY D 283 3.20 14.49 -21.52
C GLY D 283 3.96 13.19 -21.60
#